data_6XWB
#
_entry.id   6XWB
#
_cell.length_a   67.770
_cell.length_b   98.010
_cell.length_c   117.258
_cell.angle_alpha   90.000
_cell.angle_beta   91.218
_cell.angle_gamma   90.000
#
_symmetry.space_group_name_H-M   'I 1 2 1'
#
loop_
_entity.id
_entity.type
_entity.pdbx_description
1 polymer 'R-selective transaminase'
2 non-polymer 1,2-ETHANEDIOL
3 non-polymer "PYRIDOXAL-5'-PHOSPHATE"
4 non-polymer 'SODIUM ION'
5 water water
#
_entity_poly.entity_id   1
_entity_poly.type   'polypeptide(L)'
_entity_poly.pdbx_seq_one_letter_code
;MDIGINSDPMATMDKVFAGYAARQKAMEAAGNPLSEGIAWVEGEMVPLHEARIPMLDEGFMRSDLTYDVPSVWDGRFFRL
DDHLSRLEASCAKLRLKLPLPREEVKKILVEMVAKSGIRDAFVEIIVTRGLKGVRGSRPEEIVNRLYMLVQPYVWVMEPE
VQPVGGDAVIARTVRRVPPGSIDPTVKNLQWGDFVRGLFEASDRGATYPFLTDGDANLTEGSGFNIVLVKDGVLYTPDRG
VLQGVTRKSVIDVANAKGFEVRVEYVPVEAAYHADEIFMCTTAGGIMPIRSLDGKPVNDGKVGPITKAIWDGYWEMHYDP
AYSFEIKYQVAEGKPLAGYRFQEKLAAAENLYFQGLEHHHHHH
;
_entity_poly.pdbx_strand_id   A,B
#
loop_
_chem_comp.id
_chem_comp.type
_chem_comp.name
_chem_comp.formula
EDO non-polymer 1,2-ETHANEDIOL 'C2 H6 O2'
NA non-polymer 'SODIUM ION' 'Na 1'
PLP non-polymer PYRIDOXAL-5'-PHOSPHATE 'C8 H10 N O6 P'
#
# COMPACT_ATOMS: atom_id res chain seq x y z
N MET A 10 19.42 -31.81 7.53
CA MET A 10 17.96 -31.95 7.34
C MET A 10 17.40 -32.83 8.46
N ALA A 11 17.96 -32.64 9.65
CA ALA A 11 17.60 -33.46 10.80
C ALA A 11 16.23 -33.06 11.33
N THR A 12 16.05 -31.78 11.66
CA THR A 12 14.84 -31.38 12.37
C THR A 12 13.59 -31.74 11.59
N MET A 13 13.66 -31.77 10.25
CA MET A 13 12.49 -32.17 9.47
C MET A 13 12.17 -33.64 9.72
N ASP A 14 13.20 -34.48 9.83
CA ASP A 14 12.98 -35.89 10.16
C ASP A 14 12.29 -36.02 11.50
N LYS A 15 12.80 -35.35 12.53
CA LYS A 15 12.20 -35.44 13.86
C LYS A 15 10.74 -34.98 13.82
N VAL A 16 10.46 -33.90 13.10
CA VAL A 16 9.08 -33.40 13.04
C VAL A 16 8.21 -34.39 12.28
N PHE A 17 8.66 -34.82 11.09
CA PHE A 17 7.84 -35.68 10.26
C PHE A 17 7.76 -37.10 10.83
N ALA A 18 8.85 -37.59 11.41
CA ALA A 18 8.80 -38.90 12.04
C ALA A 18 7.83 -38.90 13.21
N GLY A 19 7.86 -37.85 14.02
CA GLY A 19 6.88 -37.74 15.10
C GLY A 19 5.47 -37.74 14.55
N TYR A 20 5.22 -36.94 13.52
CA TYR A 20 3.88 -36.91 12.92
C TYR A 20 3.48 -38.30 12.46
N ALA A 21 4.37 -38.98 11.73
CA ALA A 21 4.06 -40.33 11.27
C ALA A 21 3.66 -41.23 12.43
N ALA A 22 4.47 -41.22 13.49
CA ALA A 22 4.18 -42.08 14.65
C ALA A 22 2.79 -41.81 15.17
N ARG A 23 2.44 -40.53 15.34
CA ARG A 23 1.12 -40.20 15.89
C ARG A 23 0.00 -40.63 14.94
N GLN A 24 0.23 -40.54 13.62
CA GLN A 24 -0.77 -41.05 12.68
C GLN A 24 -0.89 -42.56 12.79
N LYS A 25 0.23 -43.26 12.87
CA LYS A 25 0.21 -44.71 13.07
C LYS A 25 -0.59 -45.07 14.31
N ALA A 26 -0.42 -44.29 15.39
CA ALA A 26 -1.12 -44.60 16.64
C ALA A 26 -2.60 -44.30 16.55
N MET A 27 -2.99 -43.25 15.81
CA MET A 27 -4.40 -42.90 15.72
C MET A 27 -5.17 -43.93 14.91
N GLU A 28 -4.56 -44.51 13.88
CA GLU A 28 -5.21 -45.58 13.14
C GLU A 28 -5.35 -46.82 14.01
N ALA A 29 -4.33 -47.10 14.84
CA ALA A 29 -4.39 -48.24 15.74
C ALA A 29 -5.55 -48.11 16.73
N ALA A 30 -5.75 -46.91 17.31
CA ALA A 30 -6.84 -46.70 18.24
C ALA A 30 -8.21 -46.88 17.61
N GLY A 31 -8.30 -46.81 16.28
CA GLY A 31 -9.54 -47.09 15.58
C GLY A 31 -10.73 -46.23 15.95
N ASN A 32 -10.53 -45.20 16.79
CA ASN A 32 -11.60 -44.32 17.22
C ASN A 32 -12.35 -43.76 16.01
N PRO A 33 -13.66 -43.95 15.90
CA PRO A 33 -14.37 -43.35 14.76
C PRO A 33 -14.41 -41.83 14.81
N LEU A 34 -14.35 -41.24 16.01
CA LEU A 34 -14.37 -39.79 16.13
C LEU A 34 -13.07 -39.16 15.65
N SER A 35 -12.01 -39.95 15.50
CA SER A 35 -10.73 -39.43 15.01
C SER A 35 -10.79 -39.09 13.51
N GLU A 36 -11.91 -39.33 12.84
CA GLU A 36 -12.11 -38.80 11.50
C GLU A 36 -12.63 -37.37 11.50
N GLY A 37 -13.05 -36.86 12.66
CA GLY A 37 -13.46 -35.47 12.79
C GLY A 37 -14.74 -35.27 13.57
N ILE A 38 -14.87 -34.08 14.16
CA ILE A 38 -16.06 -33.68 14.92
C ILE A 38 -16.46 -32.29 14.49
N ALA A 39 -17.77 -32.04 14.42
CA ALA A 39 -18.30 -30.73 14.05
C ALA A 39 -19.24 -30.22 15.12
N TRP A 40 -19.35 -28.90 15.19
CA TRP A 40 -20.26 -28.18 16.08
C TRP A 40 -21.18 -27.37 15.17
N VAL A 41 -22.50 -27.55 15.32
CA VAL A 41 -23.42 -26.97 14.35
C VAL A 41 -24.46 -26.06 14.99
N GLU A 42 -25.34 -26.64 15.80
CA GLU A 42 -26.38 -25.85 16.48
C GLU A 42 -26.39 -26.18 17.96
N GLY A 43 -25.22 -26.03 18.58
CA GLY A 43 -25.04 -26.34 19.97
C GLY A 43 -24.64 -27.77 20.24
N GLU A 44 -24.65 -28.63 19.22
CA GLU A 44 -24.41 -30.05 19.38
C GLU A 44 -23.14 -30.46 18.64
N MET A 45 -22.38 -31.36 19.25
CA MET A 45 -21.20 -31.92 18.63
C MET A 45 -21.62 -33.17 17.87
N VAL A 46 -21.28 -33.22 16.58
CA VAL A 46 -21.67 -34.34 15.74
C VAL A 46 -20.45 -34.82 14.97
N PRO A 47 -20.47 -36.07 14.49
CA PRO A 47 -19.36 -36.54 13.66
C PRO A 47 -19.25 -35.72 12.39
N LEU A 48 -18.03 -35.62 11.87
CA LEU A 48 -17.78 -34.74 10.73
C LEU A 48 -18.61 -35.16 9.52
N HIS A 49 -18.53 -36.43 9.16
CA HIS A 49 -19.20 -36.92 7.94
C HIS A 49 -20.72 -36.83 8.03
N GLU A 50 -21.27 -36.38 9.16
CA GLU A 50 -22.70 -36.22 9.31
C GLU A 50 -23.09 -34.77 9.63
N ALA A 51 -22.15 -33.83 9.58
CA ALA A 51 -22.46 -32.43 9.81
C ALA A 51 -22.98 -31.78 8.54
N ARG A 52 -24.09 -31.05 8.66
CA ARG A 52 -24.78 -30.47 7.51
C ARG A 52 -25.19 -29.04 7.83
N ILE A 53 -25.25 -28.23 6.78
CA ILE A 53 -25.57 -26.80 6.90
C ILE A 53 -26.93 -26.57 6.24
N PRO A 54 -27.83 -25.81 6.87
CA PRO A 54 -29.15 -25.58 6.26
C PRO A 54 -29.05 -24.70 5.03
N MET A 55 -29.72 -25.13 3.95
CA MET A 55 -29.78 -24.29 2.76
C MET A 55 -30.36 -22.91 3.06
N LEU A 56 -31.17 -22.79 4.11
CA LEU A 56 -31.74 -21.49 4.47
C LEU A 56 -30.74 -20.57 5.15
N ASP A 57 -29.54 -21.05 5.44
CA ASP A 57 -28.49 -20.15 5.92
C ASP A 57 -28.08 -19.25 4.76
N GLU A 58 -28.81 -18.14 4.58
CA GLU A 58 -28.51 -17.21 3.51
C GLU A 58 -27.05 -16.79 3.54
N GLY A 59 -26.55 -16.45 4.73
CA GLY A 59 -25.14 -16.16 4.89
C GLY A 59 -24.28 -17.17 4.15
N PHE A 60 -24.33 -18.44 4.60
CA PHE A 60 -23.51 -19.46 3.97
C PHE A 60 -23.77 -19.55 2.47
N MET A 61 -25.04 -19.38 2.06
CA MET A 61 -25.38 -19.50 0.65
C MET A 61 -24.66 -18.45 -0.19
N ARG A 62 -24.74 -17.18 0.22
CA ARG A 62 -24.04 -16.08 -0.43
C ARG A 62 -22.59 -15.94 0.07
N SER A 63 -22.04 -17.00 0.66
CA SER A 63 -20.70 -16.95 1.26
C SER A 63 -20.54 -15.64 2.03
N ASP A 64 -21.62 -15.20 2.69
CA ASP A 64 -21.61 -13.94 3.46
C ASP A 64 -21.16 -14.27 4.89
N LEU A 65 -19.87 -14.59 5.00
CA LEU A 65 -19.30 -15.17 6.21
C LEU A 65 -17.82 -14.86 6.24
N THR A 66 -17.20 -15.14 7.39
CA THR A 66 -15.77 -15.21 7.53
C THR A 66 -15.43 -16.46 8.33
N TYR A 67 -14.14 -16.81 8.35
CA TYR A 67 -13.72 -18.03 9.02
C TYR A 67 -12.26 -17.88 9.43
N ASP A 68 -11.79 -18.88 10.18
CA ASP A 68 -10.39 -18.89 10.58
C ASP A 68 -10.01 -20.32 10.96
N VAL A 69 -8.73 -20.63 10.81
CA VAL A 69 -8.27 -22.01 10.95
C VAL A 69 -7.05 -22.08 11.85
N PRO A 70 -7.24 -22.23 13.16
CA PRO A 70 -6.13 -22.63 14.02
C PRO A 70 -5.76 -24.08 13.79
N SER A 71 -4.62 -24.49 14.37
CA SER A 71 -4.16 -25.85 14.26
C SER A 71 -3.77 -26.40 15.62
N VAL A 72 -3.71 -27.72 15.69
CA VAL A 72 -3.17 -28.45 16.82
C VAL A 72 -2.05 -29.33 16.28
N TRP A 73 -0.88 -29.25 16.92
CA TRP A 73 0.27 -30.04 16.51
C TRP A 73 0.84 -30.73 17.73
N ASP A 74 1.06 -32.04 17.64
CA ASP A 74 1.63 -32.80 18.74
C ASP A 74 0.88 -32.53 20.04
N GLY A 75 -0.45 -32.48 19.95
CA GLY A 75 -1.29 -32.24 21.09
C GLY A 75 -1.30 -30.84 21.64
N ARG A 76 -0.70 -29.87 20.96
CA ARG A 76 -0.65 -28.48 21.42
C ARG A 76 -1.33 -27.56 20.41
N PHE A 77 -2.30 -26.76 20.90
CA PHE A 77 -2.92 -25.72 20.09
C PHE A 77 -1.92 -24.61 19.79
N PHE A 78 -1.82 -24.21 18.52
CA PHE A 78 -0.85 -23.22 18.10
C PHE A 78 -1.50 -21.87 17.87
N ARG A 79 -1.08 -20.88 18.64
CA ARG A 79 -1.50 -19.48 18.50
C ARG A 79 -3.01 -19.35 18.35
N LEU A 80 -3.76 -20.09 19.16
CA LEU A 80 -5.22 -20.02 19.08
C LEU A 80 -5.72 -18.60 19.29
N ASP A 81 -5.15 -17.88 20.26
CA ASP A 81 -5.66 -16.54 20.57
C ASP A 81 -5.44 -15.58 19.41
N ASP A 82 -4.35 -15.75 18.64
CA ASP A 82 -4.16 -14.93 17.45
C ASP A 82 -5.27 -15.18 16.44
N HIS A 83 -5.61 -16.45 16.21
CA HIS A 83 -6.68 -16.78 15.28
C HIS A 83 -8.03 -16.28 15.78
N LEU A 84 -8.33 -16.46 17.06
CA LEU A 84 -9.60 -15.95 17.59
C LEU A 84 -9.65 -14.43 17.46
N SER A 85 -8.53 -13.75 17.68
CA SER A 85 -8.52 -12.29 17.57
C SER A 85 -8.69 -11.85 16.11
N ARG A 86 -8.07 -12.57 15.17
CA ARG A 86 -8.27 -12.22 13.77
C ARG A 86 -9.72 -12.47 13.36
N LEU A 87 -10.31 -13.56 13.86
CA LEU A 87 -11.71 -13.85 13.54
C LEU A 87 -12.63 -12.76 14.04
N GLU A 88 -12.42 -12.29 15.27
CA GLU A 88 -13.25 -11.20 15.78
C GLU A 88 -13.09 -9.95 14.93
N ALA A 89 -11.85 -9.64 14.52
CA ALA A 89 -11.65 -8.48 13.64
C ALA A 89 -12.30 -8.71 12.28
N SER A 90 -12.26 -9.95 11.78
CA SER A 90 -12.93 -10.25 10.52
C SER A 90 -14.43 -10.05 10.65
N CYS A 91 -15.02 -10.51 11.76
CA CYS A 91 -16.44 -10.30 12.01
C CYS A 91 -16.79 -8.81 12.01
N ALA A 92 -16.00 -8.01 12.72
CA ALA A 92 -16.29 -6.59 12.82
C ALA A 92 -16.27 -5.92 11.46
N LYS A 93 -15.32 -6.31 10.60
CA LYS A 93 -15.25 -5.70 9.28
C LYS A 93 -16.46 -6.07 8.44
N LEU A 94 -17.04 -7.24 8.69
CA LEU A 94 -18.22 -7.71 7.97
C LEU A 94 -19.52 -7.35 8.67
N ARG A 95 -19.45 -6.59 9.77
CA ARG A 95 -20.62 -6.30 10.58
C ARG A 95 -21.28 -7.59 11.08
N LEU A 96 -20.44 -8.58 11.35
CA LEU A 96 -20.82 -9.81 12.02
C LEU A 96 -20.41 -9.75 13.49
N LYS A 97 -20.98 -10.65 14.28
CA LYS A 97 -20.66 -10.78 15.71
C LYS A 97 -20.48 -12.26 16.02
N LEU A 98 -19.38 -12.58 16.71
CA LEU A 98 -19.17 -13.95 17.16
C LEU A 98 -20.36 -14.37 18.02
N PRO A 99 -21.13 -15.39 17.63
CA PRO A 99 -22.38 -15.67 18.35
C PRO A 99 -22.18 -16.13 19.78
N LEU A 100 -21.04 -16.74 20.11
CA LEU A 100 -20.76 -17.13 21.48
C LEU A 100 -19.57 -16.34 22.01
N PRO A 101 -19.48 -16.14 23.33
CA PRO A 101 -18.30 -15.47 23.87
C PRO A 101 -17.02 -16.19 23.46
N ARG A 102 -15.97 -15.40 23.28
CA ARG A 102 -14.72 -15.94 22.76
C ARG A 102 -14.19 -17.06 23.64
N GLU A 103 -14.29 -16.92 24.96
CA GLU A 103 -13.76 -17.94 25.86
C GLU A 103 -14.57 -19.23 25.79
N GLU A 104 -15.86 -19.13 25.47
CA GLU A 104 -16.65 -20.34 25.29
C GLU A 104 -16.28 -21.06 24.00
N VAL A 105 -16.05 -20.30 22.92
CA VAL A 105 -15.56 -20.91 21.69
C VAL A 105 -14.27 -21.66 21.95
N LYS A 106 -13.35 -21.02 22.68
CA LYS A 106 -12.09 -21.69 23.05
C LYS A 106 -12.37 -23.00 23.78
N LYS A 107 -13.26 -22.97 24.76
CA LYS A 107 -13.59 -24.18 25.51
C LYS A 107 -14.16 -25.26 24.62
N ILE A 108 -15.12 -24.90 23.75
CA ILE A 108 -15.71 -25.91 22.87
C ILE A 108 -14.63 -26.53 21.99
N LEU A 109 -13.76 -25.70 21.42
CA LEU A 109 -12.74 -26.21 20.51
C LEU A 109 -11.81 -27.18 21.21
N VAL A 110 -11.34 -26.83 22.41
CA VAL A 110 -10.49 -27.75 23.17
C VAL A 110 -11.23 -29.05 23.43
N GLU A 111 -12.50 -28.96 23.84
CA GLU A 111 -13.29 -30.15 24.07
C GLU A 111 -13.40 -31.01 22.82
N MET A 112 -13.63 -30.36 21.68
CA MET A 112 -13.77 -31.10 20.43
C MET A 112 -12.49 -31.81 20.05
N VAL A 113 -11.35 -31.12 20.16
CA VAL A 113 -10.07 -31.76 19.89
C VAL A 113 -9.85 -32.91 20.87
N ALA A 114 -10.12 -32.66 22.16
CA ALA A 114 -9.94 -33.69 23.17
C ALA A 114 -10.81 -34.90 22.89
N LYS A 115 -12.10 -34.68 22.66
CA LYS A 115 -13.00 -35.81 22.41
C LYS A 115 -12.63 -36.54 21.13
N SER A 116 -12.00 -35.86 20.17
CA SER A 116 -11.69 -36.50 18.90
C SER A 116 -10.44 -37.36 18.97
N GLY A 117 -9.56 -37.10 19.94
CA GLY A 117 -8.31 -37.82 20.03
C GLY A 117 -7.28 -37.42 19.00
N ILE A 118 -7.55 -36.42 18.17
CA ILE A 118 -6.63 -36.03 17.10
C ILE A 118 -5.51 -35.20 17.71
N ARG A 119 -4.28 -35.63 17.51
CA ARG A 119 -3.12 -34.92 18.03
C ARG A 119 -2.60 -33.86 17.06
N ASP A 120 -2.87 -34.05 15.76
CA ASP A 120 -2.45 -33.10 14.73
C ASP A 120 -3.70 -32.76 13.93
N ALA A 121 -4.25 -31.56 14.19
CA ALA A 121 -5.58 -31.23 13.72
C ALA A 121 -5.61 -29.93 12.93
N PHE A 122 -6.49 -29.93 11.94
CA PHE A 122 -6.95 -28.75 11.21
C PHE A 122 -8.27 -28.36 11.84
N VAL A 123 -8.34 -27.15 12.37
CA VAL A 123 -9.51 -26.69 13.12
C VAL A 123 -10.07 -25.46 12.41
N GLU A 124 -11.39 -25.44 12.23
CA GLU A 124 -12.03 -24.41 11.42
C GLU A 124 -13.21 -23.82 12.17
N ILE A 125 -13.25 -22.49 12.22
CA ILE A 125 -14.35 -21.75 12.82
C ILE A 125 -14.96 -20.86 11.75
N ILE A 126 -16.29 -20.92 11.60
CA ILE A 126 -17.02 -20.20 10.56
C ILE A 126 -18.16 -19.42 11.19
N VAL A 127 -18.25 -18.14 10.87
CA VAL A 127 -19.38 -17.29 11.28
C VAL A 127 -20.06 -16.77 10.02
N THR A 128 -21.36 -17.07 9.89
CA THR A 128 -22.17 -16.64 8.75
C THR A 128 -23.23 -15.64 9.17
N ARG A 129 -23.76 -14.93 8.17
CA ARG A 129 -24.77 -13.91 8.40
C ARG A 129 -26.02 -14.50 9.04
N GLY A 130 -26.32 -15.75 8.74
CA GLY A 130 -27.45 -16.43 9.32
C GLY A 130 -28.56 -16.71 8.32
N LEU A 131 -29.74 -17.00 8.86
CA LEU A 131 -30.88 -17.44 8.05
C LEU A 131 -31.47 -16.31 7.22
N LYS A 132 -31.46 -15.09 7.75
CA LYS A 132 -31.97 -13.92 7.06
C LYS A 132 -30.79 -13.13 6.51
N GLY A 133 -30.76 -12.94 5.19
CA GLY A 133 -29.66 -12.27 4.54
C GLY A 133 -29.71 -10.77 4.72
N VAL A 134 -28.66 -10.12 4.21
CA VAL A 134 -28.57 -8.66 4.30
C VAL A 134 -29.66 -7.99 3.47
N ARG A 135 -29.88 -8.48 2.25
CA ARG A 135 -30.78 -7.81 1.32
C ARG A 135 -32.22 -7.89 1.84
N GLY A 136 -32.81 -6.73 2.07
CA GLY A 136 -34.22 -6.64 2.41
C GLY A 136 -34.59 -7.09 3.80
N SER A 137 -33.63 -7.31 4.69
CA SER A 137 -33.89 -7.63 6.08
C SER A 137 -33.53 -6.45 6.96
N ARG A 138 -34.33 -6.23 8.01
CA ARG A 138 -34.05 -5.20 8.99
C ARG A 138 -32.94 -5.67 9.94
N PRO A 139 -32.19 -4.74 10.52
CA PRO A 139 -31.09 -5.15 11.42
C PRO A 139 -31.53 -6.03 12.57
N GLU A 140 -32.78 -5.86 13.05
CA GLU A 140 -33.27 -6.61 14.19
C GLU A 140 -33.46 -8.08 13.86
N GLU A 141 -33.62 -8.43 12.59
CA GLU A 141 -33.97 -9.77 12.16
C GLU A 141 -32.75 -10.64 11.81
N ILE A 142 -31.54 -10.11 11.89
CA ILE A 142 -30.33 -10.81 11.49
C ILE A 142 -29.69 -11.44 12.72
N VAL A 143 -29.56 -12.77 12.71
CA VAL A 143 -28.96 -13.53 13.80
C VAL A 143 -27.82 -14.36 13.22
N ASN A 144 -26.58 -13.96 13.52
CA ASN A 144 -25.43 -14.66 12.97
C ASN A 144 -25.32 -16.06 13.55
N ARG A 145 -24.78 -16.98 12.75
CA ARG A 145 -24.67 -18.38 13.12
C ARG A 145 -23.20 -18.80 13.12
N LEU A 146 -22.92 -19.82 13.94
CA LEU A 146 -21.58 -20.33 14.17
C LEU A 146 -21.48 -21.79 13.74
N TYR A 147 -20.38 -22.12 13.06
CA TYR A 147 -20.06 -23.50 12.73
C TYR A 147 -18.59 -23.74 13.04
N MET A 148 -18.28 -24.92 13.57
CA MET A 148 -16.91 -25.28 13.90
C MET A 148 -16.64 -26.71 13.47
N LEU A 149 -15.36 -27.03 13.34
CA LEU A 149 -14.96 -28.34 12.85
C LEU A 149 -13.55 -28.66 13.31
N VAL A 150 -13.31 -29.95 13.55
CA VAL A 150 -11.98 -30.48 13.86
C VAL A 150 -11.77 -31.72 13.00
N GLN A 151 -10.59 -31.84 12.42
CA GLN A 151 -10.28 -32.96 11.54
C GLN A 151 -8.78 -33.09 11.43
N PRO A 152 -8.28 -34.21 10.88
CA PRO A 152 -6.84 -34.40 10.77
C PRO A 152 -6.16 -33.26 10.02
N TYR A 153 -4.90 -33.01 10.40
CA TYR A 153 -4.11 -31.94 9.81
C TYR A 153 -4.08 -32.05 8.30
N VAL A 154 -4.21 -30.90 7.64
CA VAL A 154 -4.26 -30.82 6.17
C VAL A 154 -2.95 -30.22 5.69
N TRP A 155 -2.40 -30.80 4.62
CA TRP A 155 -1.15 -30.36 4.04
C TRP A 155 -1.39 -29.72 2.67
N VAL A 156 -1.10 -28.43 2.56
CA VAL A 156 -0.99 -27.80 1.24
C VAL A 156 0.28 -28.23 0.52
N MET A 157 1.29 -28.65 1.27
CA MET A 157 2.47 -29.33 0.72
C MET A 157 2.74 -30.55 1.59
N GLU A 158 2.70 -31.74 0.99
CA GLU A 158 2.86 -32.97 1.75
C GLU A 158 4.25 -33.03 2.39
N PRO A 159 4.38 -33.68 3.55
CA PRO A 159 5.70 -33.78 4.20
C PRO A 159 6.79 -34.26 3.28
N GLU A 160 6.50 -35.19 2.37
CA GLU A 160 7.52 -35.72 1.49
C GLU A 160 8.06 -34.68 0.51
N VAL A 161 7.32 -33.59 0.25
CA VAL A 161 7.75 -32.60 -0.71
C VAL A 161 8.53 -31.46 -0.04
N GLN A 162 8.24 -31.16 1.23
CA GLN A 162 8.88 -30.02 1.86
C GLN A 162 10.41 -30.09 1.90
N PRO A 163 11.05 -31.26 2.00
CA PRO A 163 12.52 -31.28 1.94
C PRO A 163 13.10 -30.85 0.60
N VAL A 164 12.34 -30.93 -0.50
CA VAL A 164 12.83 -30.59 -1.83
C VAL A 164 12.21 -29.30 -2.36
N GLY A 165 10.95 -29.04 -2.04
CA GLY A 165 10.27 -27.86 -2.53
C GLY A 165 9.35 -28.18 -3.70
N GLY A 166 8.38 -27.30 -3.91
CA GLY A 166 7.36 -27.47 -4.92
C GLY A 166 7.54 -26.53 -6.12
N ASP A 167 6.56 -26.62 -7.04
CA ASP A 167 6.60 -25.92 -8.31
C ASP A 167 5.48 -24.88 -8.36
N ALA A 168 5.85 -23.61 -8.47
CA ALA A 168 4.91 -22.52 -8.53
C ALA A 168 4.96 -21.84 -9.89
N VAL A 169 3.93 -21.03 -10.15
CA VAL A 169 3.90 -20.14 -11.29
C VAL A 169 3.28 -18.80 -10.86
N ILE A 170 3.74 -17.73 -11.51
CA ILE A 170 3.02 -16.47 -11.49
C ILE A 170 1.84 -16.63 -12.43
N ALA A 171 0.62 -16.57 -11.89
CA ALA A 171 -0.56 -16.79 -12.71
C ALA A 171 -0.70 -15.67 -13.73
N ARG A 172 -1.07 -16.04 -14.95
CA ARG A 172 -1.26 -15.09 -16.03
C ARG A 172 -2.68 -15.08 -16.58
N THR A 173 -3.55 -16.02 -16.17
CA THR A 173 -4.94 -16.05 -16.60
C THR A 173 -5.90 -15.46 -15.57
N VAL A 174 -5.41 -15.11 -14.40
CA VAL A 174 -6.24 -14.63 -13.30
C VAL A 174 -5.38 -13.72 -12.45
N ARG A 175 -6.03 -12.79 -11.75
CA ARG A 175 -5.34 -11.94 -10.78
C ARG A 175 -6.18 -11.86 -9.51
N ARG A 176 -5.52 -11.45 -8.43
CA ARG A 176 -6.14 -11.45 -7.09
C ARG A 176 -7.34 -10.51 -7.02
N VAL A 177 -8.42 -10.95 -6.37
CA VAL A 177 -9.54 -10.03 -6.13
C VAL A 177 -9.03 -8.80 -5.38
N PRO A 178 -9.29 -7.58 -5.86
CA PRO A 178 -8.68 -6.38 -5.24
C PRO A 178 -9.39 -6.00 -3.96
N PRO A 179 -8.67 -5.36 -3.01
CA PRO A 179 -9.30 -5.02 -1.72
C PRO A 179 -10.52 -4.14 -1.85
N GLY A 180 -10.63 -3.35 -2.91
CA GLY A 180 -11.81 -2.54 -3.14
C GLY A 180 -13.04 -3.31 -3.54
N SER A 181 -12.91 -4.59 -3.85
CA SER A 181 -14.05 -5.48 -4.02
C SER A 181 -14.29 -6.33 -2.79
N ILE A 182 -13.25 -7.01 -2.32
CA ILE A 182 -13.32 -7.88 -1.14
C ILE A 182 -12.05 -7.67 -0.31
N ASP A 183 -12.23 -7.36 0.96
CA ASP A 183 -11.09 -7.07 1.84
C ASP A 183 -10.29 -8.34 2.07
N PRO A 184 -9.07 -8.45 1.54
CA PRO A 184 -8.31 -9.71 1.73
C PRO A 184 -7.85 -9.95 3.15
N THR A 185 -7.90 -8.94 4.02
CA THR A 185 -7.58 -9.17 5.43
C THR A 185 -8.73 -9.86 6.17
N VAL A 186 -9.88 -10.01 5.50
CA VAL A 186 -11.03 -10.74 6.04
C VAL A 186 -10.93 -12.15 5.46
N LYS A 187 -10.50 -13.11 6.27
CA LYS A 187 -10.39 -14.49 5.81
C LYS A 187 -11.76 -14.95 5.34
N ASN A 188 -11.83 -15.40 4.09
CA ASN A 188 -13.13 -15.68 3.48
C ASN A 188 -13.01 -16.86 2.53
N LEU A 189 -14.18 -17.41 2.16
CA LEU A 189 -14.25 -18.62 1.35
C LEU A 189 -14.68 -18.33 -0.08
N GLN A 190 -14.54 -17.08 -0.54
CA GLN A 190 -14.92 -16.72 -1.91
C GLN A 190 -13.67 -16.90 -2.79
N TRP A 191 -13.47 -18.14 -3.22
CA TRP A 191 -12.21 -18.59 -3.80
C TRP A 191 -12.21 -18.61 -5.32
N GLY A 192 -13.06 -17.81 -5.97
CA GLY A 192 -13.16 -17.87 -7.42
C GLY A 192 -11.83 -17.69 -8.11
N ASP A 193 -11.05 -16.69 -7.68
CA ASP A 193 -9.76 -16.42 -8.30
C ASP A 193 -8.75 -17.51 -7.94
N PHE A 194 -8.75 -17.94 -6.68
CA PHE A 194 -7.83 -19.02 -6.29
C PHE A 194 -8.09 -20.29 -7.06
N VAL A 195 -9.36 -20.63 -7.30
CA VAL A 195 -9.65 -21.87 -8.03
C VAL A 195 -9.19 -21.76 -9.48
N ARG A 196 -9.39 -20.61 -10.12
CA ARG A 196 -8.79 -20.40 -11.44
C ARG A 196 -7.28 -20.57 -11.36
N GLY A 197 -6.66 -20.09 -10.28
CA GLY A 197 -5.21 -20.21 -10.16
C GLY A 197 -4.77 -21.66 -10.04
N LEU A 198 -5.54 -22.47 -9.30
CA LEU A 198 -5.22 -23.88 -9.18
C LEU A 198 -5.24 -24.57 -10.54
N PHE A 199 -6.31 -24.35 -11.31
CA PHE A 199 -6.41 -25.00 -12.62
C PHE A 199 -5.30 -24.51 -13.55
N GLU A 200 -5.00 -23.21 -13.53
CA GLU A 200 -3.94 -22.70 -14.38
C GLU A 200 -2.60 -23.36 -14.03
N ALA A 201 -2.27 -23.42 -12.75
CA ALA A 201 -1.04 -24.09 -12.33
C ALA A 201 -1.00 -25.51 -12.86
N SER A 202 -2.08 -26.26 -12.65
CA SER A 202 -2.16 -27.63 -13.12
C SER A 202 -2.02 -27.71 -14.64
N ASP A 203 -2.67 -26.79 -15.37
CA ASP A 203 -2.52 -26.76 -16.82
C ASP A 203 -1.08 -26.53 -17.25
N ARG A 204 -0.34 -25.73 -16.49
CA ARG A 204 1.03 -25.38 -16.86
C ARG A 204 2.06 -26.35 -16.29
N GLY A 205 1.62 -27.42 -15.64
CA GLY A 205 2.56 -28.41 -15.17
C GLY A 205 3.15 -28.12 -13.82
N ALA A 206 2.52 -27.24 -13.04
CA ALA A 206 3.00 -26.87 -11.71
C ALA A 206 1.89 -27.11 -10.72
N THR A 207 2.08 -26.65 -9.49
CA THR A 207 1.13 -26.91 -8.41
C THR A 207 0.60 -25.65 -7.74
N TYR A 208 1.46 -24.65 -7.49
CA TYR A 208 1.08 -23.53 -6.64
C TYR A 208 0.97 -22.25 -7.44
N PRO A 209 -0.23 -21.63 -7.50
CA PRO A 209 -0.35 -20.33 -8.16
C PRO A 209 0.01 -19.17 -7.26
N PHE A 210 0.82 -18.25 -7.79
CA PHE A 210 1.09 -16.96 -7.18
C PHE A 210 0.29 -15.92 -7.94
N LEU A 211 -0.65 -15.25 -7.26
CA LEU A 211 -1.50 -14.28 -7.90
C LEU A 211 -0.93 -12.88 -7.78
N THR A 212 -0.94 -12.15 -8.90
CA THR A 212 -0.57 -10.75 -8.89
C THR A 212 -1.76 -9.90 -8.49
N ASP A 213 -1.51 -8.62 -8.24
CA ASP A 213 -2.57 -7.67 -8.01
C ASP A 213 -3.06 -7.02 -9.30
N GLY A 214 -2.63 -7.51 -10.46
CA GLY A 214 -2.98 -6.87 -11.70
C GLY A 214 -2.27 -5.57 -11.95
N ASP A 215 -1.30 -5.23 -11.09
CA ASP A 215 -0.54 -3.99 -11.19
C ASP A 215 0.94 -4.27 -11.01
N ALA A 216 1.38 -5.47 -11.36
CA ALA A 216 2.78 -5.88 -11.41
C ALA A 216 3.38 -6.14 -10.03
N ASN A 217 2.57 -6.42 -9.01
CA ASN A 217 3.06 -6.82 -7.69
C ASN A 217 2.49 -8.18 -7.29
N LEU A 218 3.25 -8.88 -6.46
CA LEU A 218 2.81 -10.15 -5.87
C LEU A 218 1.80 -9.89 -4.77
N THR A 219 0.85 -10.83 -4.61
CA THR A 219 -0.04 -10.79 -3.47
C THR A 219 0.13 -12.11 -2.73
N GLU A 220 -0.77 -13.07 -2.91
CA GLU A 220 -0.71 -14.33 -2.18
C GLU A 220 -1.16 -15.42 -3.14
N GLY A 221 -1.23 -16.64 -2.63
CA GLY A 221 -1.65 -17.78 -3.41
C GLY A 221 -2.90 -18.41 -2.85
N SER A 222 -3.29 -19.56 -3.44
CA SER A 222 -4.50 -20.28 -3.05
C SER A 222 -4.29 -20.93 -1.68
N GLY A 223 -4.47 -20.11 -0.64
CA GLY A 223 -4.38 -20.62 0.71
C GLY A 223 -3.03 -20.48 1.37
N PHE A 224 -2.21 -19.52 0.94
CA PHE A 224 -0.90 -19.32 1.54
C PHE A 224 -0.39 -17.93 1.26
N ASN A 225 0.43 -17.43 2.16
CA ASN A 225 1.19 -16.21 1.93
C ASN A 225 2.50 -16.57 1.21
N ILE A 226 3.10 -15.56 0.59
CA ILE A 226 4.30 -15.73 -0.21
C ILE A 226 5.44 -14.96 0.45
N VAL A 227 6.63 -15.55 0.48
CA VAL A 227 7.81 -14.86 1.00
C VAL A 227 8.95 -15.03 0.02
N LEU A 228 9.66 -13.93 -0.24
CA LEU A 228 10.89 -13.93 -1.00
C LEU A 228 12.08 -13.70 -0.08
N VAL A 229 13.20 -14.34 -0.40
CA VAL A 229 14.47 -14.11 0.26
C VAL A 229 15.45 -13.59 -0.79
N LYS A 230 16.09 -12.46 -0.50
CA LYS A 230 17.03 -11.88 -1.44
C LYS A 230 18.13 -11.15 -0.69
N ASP A 231 19.37 -11.63 -0.84
CA ASP A 231 20.54 -11.03 -0.20
C ASP A 231 20.36 -10.90 1.31
N GLY A 232 19.82 -11.95 1.93
CA GLY A 232 19.73 -12.02 3.37
C GLY A 232 18.55 -11.30 4.00
N VAL A 233 17.62 -10.79 3.19
CA VAL A 233 16.45 -10.06 3.67
C VAL A 233 15.20 -10.77 3.17
N LEU A 234 14.20 -10.90 4.05
CA LEU A 234 12.92 -11.48 3.66
C LEU A 234 11.93 -10.40 3.20
N TYR A 235 11.19 -10.71 2.13
CA TYR A 235 10.20 -9.81 1.55
C TYR A 235 8.86 -10.51 1.44
N THR A 236 7.79 -9.85 1.87
CA THR A 236 6.44 -10.44 1.73
C THR A 236 5.44 -9.31 1.53
N PRO A 237 4.42 -9.50 0.68
CA PRO A 237 3.52 -8.39 0.38
C PRO A 237 2.74 -7.90 1.60
N ASP A 238 2.58 -6.58 1.68
CA ASP A 238 1.78 -5.97 2.74
C ASP A 238 0.31 -5.89 2.35
N ARG A 239 0.02 -5.25 1.23
CA ARG A 239 -1.34 -5.00 0.77
C ARG A 239 -1.84 -6.17 -0.06
N GLY A 240 -3.16 -6.38 -0.02
CA GLY A 240 -3.82 -7.29 -0.93
C GLY A 240 -3.84 -8.74 -0.49
N VAL A 241 -3.43 -9.03 0.74
CA VAL A 241 -3.24 -10.40 1.20
C VAL A 241 -3.80 -10.57 2.60
N LEU A 242 -4.05 -11.81 2.97
CA LEU A 242 -4.32 -12.11 4.36
C LEU A 242 -3.06 -11.90 5.18
N GLN A 243 -3.20 -11.29 6.35
CA GLN A 243 -2.09 -11.15 7.31
C GLN A 243 -2.02 -12.45 8.08
N GLY A 244 -1.29 -13.41 7.54
CA GLY A 244 -1.32 -14.76 8.08
C GLY A 244 -0.68 -14.86 9.46
N VAL A 245 -1.18 -15.82 10.24
CA VAL A 245 -0.53 -16.11 11.53
C VAL A 245 0.79 -16.83 11.30
N THR A 246 0.87 -17.66 10.25
CA THR A 246 2.16 -18.25 9.91
C THR A 246 3.16 -17.19 9.51
N ARG A 247 2.71 -16.26 8.65
CA ARG A 247 3.55 -15.12 8.29
C ARG A 247 4.04 -14.40 9.54
N LYS A 248 3.14 -14.16 10.48
CA LYS A 248 3.49 -13.56 11.77
C LYS A 248 4.57 -14.37 12.48
N SER A 249 4.43 -15.70 12.50
CA SER A 249 5.44 -16.52 13.14
C SER A 249 6.75 -16.47 12.38
N VAL A 250 6.67 -16.34 11.05
CA VAL A 250 7.88 -16.18 10.24
C VAL A 250 8.63 -14.93 10.66
N ILE A 251 7.90 -13.84 10.91
CA ILE A 251 8.54 -12.60 11.34
C ILE A 251 9.17 -12.79 12.70
N ASP A 252 8.50 -13.53 13.60
CA ASP A 252 9.05 -13.77 14.93
C ASP A 252 10.36 -14.55 14.85
N VAL A 253 10.36 -15.67 14.12
CA VAL A 253 11.58 -16.45 13.95
C VAL A 253 12.67 -15.62 13.27
N ALA A 254 12.31 -14.85 12.24
CA ALA A 254 13.31 -14.08 11.52
C ALA A 254 13.94 -13.03 12.44
N ASN A 255 13.12 -12.29 13.17
CA ASN A 255 13.65 -11.33 14.12
C ASN A 255 14.56 -12.03 15.14
N ALA A 256 14.11 -13.16 15.69
CA ALA A 256 14.89 -13.86 16.70
C ALA A 256 16.24 -14.29 16.15
N LYS A 257 16.32 -14.61 14.86
CA LYS A 257 17.55 -15.06 14.23
C LYS A 257 18.29 -13.93 13.54
N GLY A 258 17.87 -12.68 13.72
CA GLY A 258 18.60 -11.56 13.18
C GLY A 258 18.33 -11.25 11.72
N PHE A 259 17.32 -11.88 11.11
CA PHE A 259 16.95 -11.58 9.73
C PHE A 259 15.90 -10.48 9.72
N GLU A 260 16.08 -9.52 8.82
CA GLU A 260 15.09 -8.48 8.58
C GLU A 260 13.97 -9.01 7.69
N VAL A 261 12.73 -8.60 7.97
CA VAL A 261 11.57 -8.91 7.13
C VAL A 261 10.90 -7.60 6.76
N ARG A 262 10.77 -7.34 5.46
CA ARG A 262 10.08 -6.15 4.97
C ARG A 262 8.71 -6.57 4.48
N VAL A 263 7.67 -6.02 5.13
CA VAL A 263 6.29 -6.21 4.72
C VAL A 263 5.95 -4.97 3.89
N GLU A 264 5.93 -5.13 2.58
CA GLU A 264 5.87 -3.99 1.69
C GLU A 264 5.46 -4.47 0.31
N TYR A 265 5.39 -3.54 -0.62
CA TYR A 265 5.11 -3.89 -2.01
C TYR A 265 6.26 -4.70 -2.57
N VAL A 266 5.95 -5.91 -3.05
CA VAL A 266 6.93 -6.81 -3.65
C VAL A 266 6.61 -6.91 -5.14
N PRO A 267 7.43 -6.34 -6.02
CA PRO A 267 7.15 -6.45 -7.45
C PRO A 267 7.30 -7.88 -7.95
N VAL A 268 6.48 -8.23 -8.94
CA VAL A 268 6.58 -9.55 -9.57
C VAL A 268 8.01 -9.83 -10.01
N GLU A 269 8.70 -8.80 -10.51
CA GLU A 269 10.03 -9.01 -11.04
C GLU A 269 10.97 -9.63 -10.00
N ALA A 270 10.76 -9.28 -8.72
CA ALA A 270 11.64 -9.78 -7.67
C ALA A 270 11.58 -11.29 -7.56
N ALA A 271 10.41 -11.89 -7.85
CA ALA A 271 10.28 -13.34 -7.74
C ALA A 271 11.30 -14.05 -8.61
N TYR A 272 11.58 -13.50 -9.80
CA TYR A 272 12.47 -14.11 -10.78
C TYR A 272 13.94 -13.94 -10.45
N HIS A 273 14.28 -13.12 -9.46
CA HIS A 273 15.66 -12.95 -9.04
C HIS A 273 15.89 -13.41 -7.60
N ALA A 274 14.91 -14.00 -6.94
CA ALA A 274 15.00 -14.31 -5.53
C ALA A 274 16.02 -15.42 -5.27
N ASP A 275 16.75 -15.30 -4.16
CA ASP A 275 17.64 -16.38 -3.72
C ASP A 275 16.84 -17.58 -3.24
N GLU A 276 15.70 -17.33 -2.60
CA GLU A 276 14.86 -18.38 -2.06
C GLU A 276 13.41 -17.91 -2.14
N ILE A 277 12.50 -18.87 -2.22
CA ILE A 277 11.07 -18.59 -2.16
C ILE A 277 10.42 -19.66 -1.31
N PHE A 278 9.49 -19.26 -0.45
CA PHE A 278 8.65 -20.23 0.23
C PHE A 278 7.31 -19.62 0.53
N MET A 279 6.33 -20.49 0.68
CA MET A 279 4.97 -20.17 1.06
C MET A 279 4.80 -20.50 2.54
N CYS A 280 3.84 -19.84 3.19
CA CYS A 280 3.56 -20.13 4.58
C CYS A 280 2.06 -20.12 4.80
N THR A 281 1.59 -21.06 5.63
CA THR A 281 0.18 -21.24 5.90
C THR A 281 0.02 -22.19 7.08
N THR A 282 -1.10 -22.08 7.79
CA THR A 282 -1.36 -23.00 8.90
C THR A 282 -1.44 -24.43 8.40
N ALA A 283 -2.15 -24.66 7.29
CA ALA A 283 -2.33 -26.00 6.74
C ALA A 283 -1.09 -26.46 5.98
N GLY A 284 -0.01 -26.68 6.74
CA GLY A 284 1.21 -27.20 6.14
C GLY A 284 2.50 -26.56 6.64
N GLY A 285 2.40 -25.34 7.17
CA GLY A 285 3.55 -24.70 7.79
C GLY A 285 4.40 -23.91 6.78
N ILE A 286 5.69 -24.21 6.73
CA ILE A 286 6.67 -23.51 5.91
C ILE A 286 6.95 -24.37 4.69
N MET A 287 6.65 -23.84 3.50
CA MET A 287 6.61 -24.65 2.29
C MET A 287 7.53 -24.10 1.20
N PRO A 288 8.73 -24.68 1.03
CA PRO A 288 9.69 -24.13 0.07
C PRO A 288 9.27 -24.33 -1.37
N ILE A 289 9.74 -23.43 -2.23
CA ILE A 289 9.46 -23.50 -3.67
C ILE A 289 10.79 -23.61 -4.41
N ARG A 290 10.98 -24.72 -5.12
CA ARG A 290 12.19 -24.97 -5.89
C ARG A 290 12.16 -24.40 -7.29
N SER A 291 10.97 -24.18 -7.87
CA SER A 291 10.89 -23.69 -9.24
C SER A 291 9.72 -22.73 -9.42
N LEU A 292 9.92 -21.78 -10.33
CA LEU A 292 8.92 -20.76 -10.64
C LEU A 292 8.84 -20.66 -12.15
N ASP A 293 7.63 -20.84 -12.69
CA ASP A 293 7.39 -20.78 -14.12
C ASP A 293 8.26 -21.80 -14.86
N GLY A 294 8.46 -22.97 -14.25
CA GLY A 294 9.26 -24.01 -14.87
C GLY A 294 10.75 -23.79 -14.85
N LYS A 295 11.24 -22.83 -14.06
CA LYS A 295 12.66 -22.53 -13.97
C LYS A 295 13.13 -22.68 -12.52
N PRO A 296 14.41 -22.99 -12.27
CA PRO A 296 14.87 -23.16 -10.89
C PRO A 296 14.88 -21.84 -10.13
N VAL A 297 14.48 -21.88 -8.87
CA VAL A 297 14.68 -20.73 -7.98
C VAL A 297 16.12 -20.83 -7.46
N ASN A 298 16.99 -19.97 -7.96
CA ASN A 298 18.40 -19.99 -7.58
C ASN A 298 19.00 -21.34 -7.94
N ASP A 299 19.40 -22.12 -6.96
CA ASP A 299 20.02 -23.42 -7.21
C ASP A 299 19.00 -24.55 -7.21
N GLY A 300 17.71 -24.23 -7.12
CA GLY A 300 16.69 -25.26 -7.15
C GLY A 300 16.56 -26.06 -5.88
N LYS A 301 17.22 -25.65 -4.80
CA LYS A 301 17.17 -26.36 -3.53
C LYS A 301 16.48 -25.52 -2.46
N VAL A 302 16.04 -26.19 -1.40
CA VAL A 302 15.60 -25.46 -0.23
C VAL A 302 16.78 -24.63 0.27
N GLY A 303 16.54 -23.34 0.46
CA GLY A 303 17.60 -22.45 0.83
C GLY A 303 17.87 -22.50 2.32
N PRO A 304 18.98 -21.89 2.71
CA PRO A 304 19.38 -21.89 4.13
C PRO A 304 18.47 -21.03 5.00
N ILE A 305 18.16 -19.81 4.56
CA ILE A 305 17.29 -18.98 5.37
C ILE A 305 15.92 -19.62 5.49
N THR A 306 15.44 -20.26 4.42
CA THR A 306 14.17 -20.97 4.50
C THR A 306 14.20 -22.09 5.53
N LYS A 307 15.28 -22.87 5.56
CA LYS A 307 15.38 -23.96 6.54
C LYS A 307 15.46 -23.41 7.96
N ALA A 308 16.16 -22.30 8.17
CA ALA A 308 16.15 -21.66 9.48
C ALA A 308 14.74 -21.26 9.89
N ILE A 309 13.96 -20.73 8.93
CA ILE A 309 12.58 -20.35 9.21
C ILE A 309 11.73 -21.59 9.50
N TRP A 310 11.93 -22.64 8.70
CA TRP A 310 11.24 -23.91 8.94
C TRP A 310 11.53 -24.44 10.34
N ASP A 311 12.80 -24.52 10.71
CA ASP A 311 13.17 -25.05 12.03
C ASP A 311 12.54 -24.22 13.14
N GLY A 312 12.74 -22.90 13.10
CA GLY A 312 12.18 -22.05 14.14
C GLY A 312 10.67 -22.14 14.23
N TYR A 313 9.99 -22.27 13.09
CA TYR A 313 8.53 -22.31 13.13
C TYR A 313 8.03 -23.50 13.93
N TRP A 314 8.60 -24.66 13.70
CA TRP A 314 8.14 -25.84 14.42
C TRP A 314 8.66 -25.86 15.85
N GLU A 315 9.87 -25.36 16.09
CA GLU A 315 10.33 -25.18 17.47
C GLU A 315 9.33 -24.41 18.31
N MET A 316 8.78 -23.31 17.76
CA MET A 316 7.88 -22.46 18.55
C MET A 316 6.53 -23.12 18.82
N HIS A 317 6.27 -24.31 18.25
CA HIS A 317 5.07 -25.05 18.59
C HIS A 317 5.16 -25.67 20.00
N TYR A 318 6.31 -25.53 20.65
CA TYR A 318 6.52 -26.03 22.01
C TYR A 318 6.85 -24.90 22.96
N ASP A 319 6.75 -23.65 22.50
CA ASP A 319 6.90 -22.49 23.35
C ASP A 319 5.57 -22.16 23.99
N PRO A 320 5.46 -22.12 25.32
CA PRO A 320 4.17 -21.82 25.94
C PRO A 320 3.66 -20.43 25.65
N ALA A 321 4.54 -19.49 25.27
CA ALA A 321 4.08 -18.18 24.84
C ALA A 321 3.20 -18.26 23.59
N TYR A 322 3.32 -19.34 22.82
CA TYR A 322 2.60 -19.48 21.55
C TYR A 322 1.72 -20.71 21.50
N SER A 323 1.67 -21.52 22.56
CA SER A 323 0.93 -22.77 22.50
C SER A 323 0.57 -23.22 23.91
N PHE A 324 -0.45 -24.07 23.98
CA PHE A 324 -0.79 -24.77 25.21
C PHE A 324 -1.15 -26.21 24.87
N GLU A 325 -0.95 -27.10 25.84
CA GLU A 325 -1.17 -28.52 25.68
C GLU A 325 -2.62 -28.87 25.99
N ILE A 326 -3.15 -29.81 25.24
CA ILE A 326 -4.53 -30.26 25.40
C ILE A 326 -4.55 -31.54 26.22
N LYS A 327 -5.48 -31.62 27.16
CA LYS A 327 -5.71 -32.83 27.94
C LYS A 327 -6.75 -33.67 27.20
N TYR A 328 -6.35 -34.83 26.71
CA TYR A 328 -7.23 -35.71 25.95
C TYR A 328 -7.98 -36.68 26.85
N MET B 10 -6.84 34.68 7.67
CA MET B 10 -7.19 35.33 8.97
C MET B 10 -6.03 36.23 9.44
N ALA B 11 -5.33 35.84 10.51
CA ALA B 11 -4.28 36.70 11.06
C ALA B 11 -3.00 36.63 10.23
N THR B 12 -2.33 35.47 10.23
CA THR B 12 -1.02 35.37 9.59
C THR B 12 -1.10 35.55 8.08
N MET B 13 -2.26 35.23 7.47
CA MET B 13 -2.37 35.33 6.02
C MET B 13 -2.16 36.76 5.54
N ASP B 14 -2.68 37.72 6.30
CA ASP B 14 -2.47 39.13 5.93
C ASP B 14 -0.98 39.45 5.84
N LYS B 15 -0.22 39.10 6.88
CA LYS B 15 1.21 39.40 6.85
C LYS B 15 1.90 38.72 5.67
N VAL B 16 1.56 37.45 5.41
CA VAL B 16 2.19 36.75 4.30
C VAL B 16 1.76 37.36 2.99
N PHE B 17 0.44 37.52 2.81
CA PHE B 17 -0.07 38.01 1.53
C PHE B 17 0.26 39.49 1.34
N ALA B 18 0.26 40.28 2.41
CA ALA B 18 0.69 41.67 2.29
C ALA B 18 2.14 41.75 1.85
N GLY B 19 2.99 40.89 2.41
CA GLY B 19 4.38 40.85 1.96
C GLY B 19 4.49 40.50 0.49
N TYR B 20 3.76 39.46 0.05
CA TYR B 20 3.78 39.10 -1.36
C TYR B 20 3.30 40.24 -2.24
N ALA B 21 2.17 40.86 -1.86
CA ALA B 21 1.66 41.99 -2.63
C ALA B 21 2.71 43.08 -2.79
N ALA B 22 3.35 43.46 -1.69
CA ALA B 22 4.37 44.51 -1.75
C ALA B 22 5.49 44.13 -2.69
N ARG B 23 5.99 42.89 -2.60
CA ARG B 23 7.11 42.50 -3.44
C ARG B 23 6.70 42.45 -4.91
N GLN B 24 5.46 42.04 -5.20
CA GLN B 24 5.00 42.09 -6.59
C GLN B 24 4.87 43.52 -7.07
N LYS B 25 4.29 44.40 -6.25
CA LYS B 25 4.20 45.80 -6.63
C LYS B 25 5.59 46.36 -6.96
N ALA B 26 6.60 45.99 -6.16
CA ALA B 26 7.95 46.51 -6.37
C ALA B 26 8.59 45.91 -7.62
N MET B 27 8.30 44.64 -7.92
CA MET B 27 8.88 44.02 -9.11
C MET B 27 8.29 44.63 -10.38
N GLU B 28 7.01 44.99 -10.34
CA GLU B 28 6.42 45.70 -11.49
C GLU B 28 7.00 47.09 -11.61
N ALA B 29 7.31 47.74 -10.49
CA ALA B 29 7.92 49.08 -10.55
C ALA B 29 9.23 49.04 -11.31
N ALA B 30 10.08 48.05 -11.03
CA ALA B 30 11.30 47.88 -11.80
C ALA B 30 10.95 47.50 -13.23
N GLY B 31 11.79 47.93 -14.16
CA GLY B 31 11.62 47.60 -15.56
C GLY B 31 12.30 46.33 -16.00
N ASN B 32 12.85 45.57 -15.07
CA ASN B 32 13.63 44.39 -15.40
C ASN B 32 12.84 43.46 -16.33
N PRO B 33 13.34 43.22 -17.55
CA PRO B 33 12.61 42.28 -18.43
C PRO B 33 12.72 40.84 -17.95
N LEU B 34 13.81 40.50 -17.27
CA LEU B 34 14.01 39.14 -16.80
C LEU B 34 13.07 38.76 -15.67
N SER B 35 12.41 39.73 -15.04
CA SER B 35 11.45 39.37 -13.99
C SER B 35 10.20 38.67 -14.54
N GLU B 36 10.07 38.54 -15.86
CA GLU B 36 9.05 37.66 -16.43
C GLU B 36 9.56 36.22 -16.53
N GLY B 37 10.86 35.98 -16.31
CA GLY B 37 11.37 34.63 -16.27
C GLY B 37 12.64 34.41 -17.06
N ILE B 38 13.39 33.39 -16.64
CA ILE B 38 14.64 33.00 -17.31
C ILE B 38 14.62 31.49 -17.47
N ALA B 39 15.16 31.02 -18.58
CA ALA B 39 15.24 29.60 -18.89
C ALA B 39 16.69 29.23 -19.18
N TRP B 40 17.01 27.97 -18.96
CA TRP B 40 18.34 27.42 -19.24
C TRP B 40 18.17 26.34 -20.29
N VAL B 41 18.74 26.57 -21.48
CA VAL B 41 18.60 25.68 -22.60
C VAL B 41 19.97 25.47 -23.22
N GLU B 42 20.47 24.24 -23.15
CA GLU B 42 21.75 23.85 -23.75
C GLU B 42 22.88 24.80 -23.35
N GLY B 43 23.01 25.07 -22.06
CA GLY B 43 24.09 25.89 -21.56
C GLY B 43 23.86 27.38 -21.54
N GLU B 44 22.77 27.87 -22.14
CA GLU B 44 22.55 29.30 -22.30
C GLU B 44 21.35 29.77 -21.51
N MET B 45 21.48 30.94 -20.89
CA MET B 45 20.37 31.58 -20.19
C MET B 45 19.66 32.50 -21.17
N VAL B 46 18.36 32.28 -21.35
CA VAL B 46 17.57 33.08 -22.28
C VAL B 46 16.30 33.51 -21.57
N PRO B 47 15.64 34.57 -22.05
CA PRO B 47 14.36 34.97 -21.46
C PRO B 47 13.34 33.86 -21.64
N LEU B 48 12.39 33.79 -20.70
CA LEU B 48 11.44 32.69 -20.69
C LEU B 48 10.63 32.66 -21.99
N HIS B 49 10.04 33.81 -22.35
CA HIS B 49 9.16 33.87 -23.52
C HIS B 49 9.89 33.59 -24.82
N GLU B 50 11.20 33.38 -24.79
CA GLU B 50 11.96 33.04 -25.99
C GLU B 50 12.65 31.69 -25.86
N ALA B 51 12.35 30.93 -24.80
CA ALA B 51 12.95 29.61 -24.63
C ALA B 51 12.18 28.58 -25.43
N ARG B 52 12.91 27.73 -26.15
CA ARG B 52 12.31 26.80 -27.07
C ARG B 52 12.99 25.43 -26.91
N ILE B 53 12.22 24.39 -27.17
CA ILE B 53 12.66 23.00 -27.01
C ILE B 53 12.74 22.37 -28.38
N PRO B 54 13.82 21.66 -28.72
CA PRO B 54 13.90 21.07 -30.06
C PRO B 54 12.88 19.96 -30.21
N MET B 55 12.11 20.03 -31.30
CA MET B 55 11.16 18.98 -31.63
C MET B 55 11.83 17.62 -31.71
N LEU B 56 13.13 17.60 -32.02
CA LEU B 56 13.90 16.38 -32.11
C LEU B 56 14.26 15.80 -30.75
N ASP B 57 13.93 16.47 -29.66
CA ASP B 57 14.10 15.88 -28.33
C ASP B 57 13.06 14.79 -28.16
N GLU B 58 13.38 13.58 -28.62
CA GLU B 58 12.46 12.46 -28.52
C GLU B 58 11.95 12.32 -27.09
N GLY B 59 12.85 12.38 -26.12
CA GLY B 59 12.44 12.37 -24.73
C GLY B 59 11.26 13.28 -24.49
N PHE B 60 11.45 14.58 -24.68
CA PHE B 60 10.37 15.53 -24.39
C PHE B 60 9.12 15.20 -25.18
N MET B 61 9.27 14.73 -26.43
CA MET B 61 8.13 14.47 -27.30
C MET B 61 7.21 13.39 -26.72
N ARG B 62 7.80 12.25 -26.32
CA ARG B 62 7.09 11.15 -25.66
C ARG B 62 7.03 11.32 -24.15
N SER B 63 7.16 12.57 -23.66
CA SER B 63 7.14 12.87 -22.23
C SER B 63 7.99 11.86 -21.47
N ASP B 64 9.09 11.45 -22.07
CA ASP B 64 10.00 10.48 -21.47
C ASP B 64 11.00 11.24 -20.60
N LEU B 65 10.48 11.76 -19.50
CA LEU B 65 11.21 12.71 -18.70
C LEU B 65 10.69 12.66 -17.26
N THR B 66 11.41 13.34 -16.38
CA THR B 66 10.92 13.70 -15.07
C THR B 66 11.25 15.16 -14.83
N TYR B 67 10.68 15.72 -13.77
CA TYR B 67 10.90 17.12 -13.45
C TYR B 67 10.65 17.32 -11.97
N ASP B 68 10.96 18.52 -11.50
CA ASP B 68 10.73 18.86 -10.11
C ASP B 68 10.68 20.37 -10.00
N VAL B 69 9.99 20.83 -8.96
CA VAL B 69 9.65 22.24 -8.84
C VAL B 69 9.93 22.75 -7.43
N PRO B 70 11.14 23.22 -7.15
CA PRO B 70 11.36 24.00 -5.94
C PRO B 70 10.73 25.38 -6.07
N SER B 71 10.67 26.09 -4.94
CA SER B 71 10.16 27.44 -4.93
C SER B 71 11.14 28.37 -4.21
N VAL B 72 10.95 29.66 -4.48
CA VAL B 72 11.63 30.74 -3.78
C VAL B 72 10.54 31.64 -3.20
N TRP B 73 10.63 31.93 -1.91
CA TRP B 73 9.66 32.78 -1.25
C TRP B 73 10.41 33.85 -0.46
N ASP B 74 10.04 35.11 -0.68
CA ASP B 74 10.65 36.24 0.03
C ASP B 74 12.17 36.16 -0.08
N GLY B 75 12.65 35.83 -1.28
CA GLY B 75 14.07 35.74 -1.52
C GLY B 75 14.78 34.53 -0.96
N ARG B 76 14.04 33.56 -0.41
CA ARG B 76 14.63 32.36 0.19
C ARG B 76 14.18 31.12 -0.58
N PHE B 77 15.15 30.33 -1.04
CA PHE B 77 14.87 29.03 -1.63
C PHE B 77 14.33 28.09 -0.57
N PHE B 78 13.22 27.41 -0.86
CA PHE B 78 12.54 26.56 0.12
C PHE B 78 12.83 25.10 -0.21
N ARG B 79 13.48 24.41 0.74
CA ARG B 79 13.74 22.96 0.67
C ARG B 79 14.28 22.53 -0.68
N LEU B 80 15.22 23.32 -1.22
CA LEU B 80 15.80 23.00 -2.52
C LEU B 80 16.41 21.61 -2.55
N ASP B 81 17.16 21.24 -1.51
CA ASP B 81 17.85 19.95 -1.54
C ASP B 81 16.89 18.77 -1.53
N ASP B 82 15.74 18.90 -0.87
CA ASP B 82 14.74 17.83 -0.93
C ASP B 82 14.25 17.64 -2.36
N HIS B 83 13.96 18.74 -3.06
CA HIS B 83 13.52 18.66 -4.45
C HIS B 83 14.63 18.11 -5.35
N LEU B 84 15.87 18.57 -5.16
CA LEU B 84 16.97 18.04 -5.97
C LEU B 84 17.16 16.56 -5.71
N SER B 85 17.00 16.13 -4.45
CA SER B 85 17.14 14.72 -4.12
C SER B 85 15.97 13.90 -4.67
N ARG B 86 14.76 14.45 -4.65
CA ARG B 86 13.64 13.73 -5.28
C ARG B 86 13.84 13.65 -6.78
N LEU B 87 14.38 14.71 -7.40
CA LEU B 87 14.63 14.66 -8.84
C LEU B 87 15.62 13.55 -9.18
N GLU B 88 16.71 13.47 -8.41
CA GLU B 88 17.71 12.43 -8.66
C GLU B 88 17.12 11.04 -8.51
N ALA B 89 16.29 10.84 -7.47
CA ALA B 89 15.64 9.54 -7.32
C ALA B 89 14.68 9.28 -8.48
N SER B 90 14.00 10.33 -8.95
CA SER B 90 13.13 10.17 -10.12
C SER B 90 13.95 9.76 -11.33
N CYS B 91 15.09 10.42 -11.54
CA CYS B 91 15.98 10.05 -12.63
C CYS B 91 16.41 8.60 -12.51
N ALA B 92 16.83 8.17 -11.32
CA ALA B 92 17.29 6.78 -11.19
C ALA B 92 16.17 5.79 -11.54
N LYS B 93 14.95 6.08 -11.12
CA LYS B 93 13.86 5.17 -11.44
C LYS B 93 13.60 5.13 -12.95
N LEU B 94 13.87 6.22 -13.66
CA LEU B 94 13.69 6.29 -15.09
C LEU B 94 14.95 5.94 -15.88
N ARG B 95 16.01 5.54 -15.20
CA ARG B 95 17.30 5.27 -15.85
C ARG B 95 17.79 6.49 -16.60
N LEU B 96 17.48 7.68 -16.06
CA LEU B 96 18.04 8.95 -16.49
C LEU B 96 19.16 9.35 -15.55
N LYS B 97 19.99 10.28 -16.01
CA LYS B 97 21.08 10.85 -15.22
C LYS B 97 21.02 12.36 -15.34
N LEU B 98 21.12 13.05 -14.21
CA LEU B 98 21.21 14.50 -14.22
C LEU B 98 22.40 14.91 -15.08
N PRO B 99 22.19 15.63 -16.19
CA PRO B 99 23.31 15.88 -17.11
C PRO B 99 24.44 16.70 -16.50
N LEU B 100 24.17 17.52 -15.50
CA LEU B 100 25.23 18.26 -14.82
C LEU B 100 25.36 17.81 -13.37
N PRO B 101 26.55 17.94 -12.77
CA PRO B 101 26.67 17.62 -11.35
C PRO B 101 25.67 18.41 -10.53
N ARG B 102 25.23 17.81 -9.43
CA ARG B 102 24.14 18.40 -8.65
C ARG B 102 24.48 19.80 -8.16
N GLU B 103 25.70 20.01 -7.65
CA GLU B 103 26.02 21.34 -7.14
C GLU B 103 26.09 22.37 -8.26
N GLU B 104 26.42 21.96 -9.48
CA GLU B 104 26.39 22.90 -10.58
C GLU B 104 24.96 23.28 -10.95
N VAL B 105 24.04 22.30 -10.92
CA VAL B 105 22.63 22.60 -11.11
C VAL B 105 22.14 23.58 -10.05
N LYS B 106 22.42 23.27 -8.79
CA LYS B 106 22.02 24.16 -7.71
C LYS B 106 22.56 25.57 -7.93
N LYS B 107 23.84 25.67 -8.31
CA LYS B 107 24.46 26.97 -8.53
C LYS B 107 23.80 27.71 -9.69
N ILE B 108 23.57 27.02 -10.81
CA ILE B 108 22.90 27.67 -11.93
C ILE B 108 21.53 28.18 -11.49
N LEU B 109 20.79 27.37 -10.73
CA LEU B 109 19.46 27.78 -10.31
C LEU B 109 19.50 29.05 -9.48
N VAL B 110 20.44 29.11 -8.54
CA VAL B 110 20.59 30.33 -7.73
C VAL B 110 20.91 31.51 -8.64
N GLU B 111 21.81 31.32 -9.61
CA GLU B 111 22.15 32.42 -10.50
C GLU B 111 20.93 32.89 -11.28
N MET B 112 20.11 31.95 -11.77
CA MET B 112 18.94 32.33 -12.55
C MET B 112 17.95 33.14 -11.72
N VAL B 113 17.70 32.72 -10.48
CA VAL B 113 16.83 33.48 -9.61
C VAL B 113 17.41 34.85 -9.35
N ALA B 114 18.70 34.90 -9.03
CA ALA B 114 19.35 36.18 -8.74
C ALA B 114 19.28 37.09 -9.96
N LYS B 115 19.69 36.59 -11.12
CA LYS B 115 19.69 37.40 -12.32
C LYS B 115 18.30 37.87 -12.69
N SER B 116 17.26 37.10 -12.32
CA SER B 116 15.90 37.46 -12.69
C SER B 116 15.31 38.52 -11.77
N GLY B 117 15.83 38.63 -10.55
CA GLY B 117 15.30 39.57 -9.57
C GLY B 117 14.00 39.14 -8.92
N ILE B 118 13.48 37.95 -9.23
CA ILE B 118 12.19 37.51 -8.71
C ILE B 118 12.38 37.03 -7.28
N ARG B 119 11.62 37.61 -6.35
CA ARG B 119 11.67 37.24 -4.95
C ARG B 119 10.75 36.08 -4.58
N ASP B 120 9.68 35.87 -5.35
CA ASP B 120 8.74 34.77 -5.13
C ASP B 120 8.65 34.03 -6.46
N ALA B 121 9.30 32.89 -6.56
CA ALA B 121 9.54 32.25 -7.84
C ALA B 121 9.01 30.81 -7.86
N PHE B 122 8.55 30.43 -9.03
CA PHE B 122 8.26 29.05 -9.43
C PHE B 122 9.45 28.58 -10.24
N VAL B 123 10.11 27.52 -9.77
CA VAL B 123 11.36 27.04 -10.37
C VAL B 123 11.16 25.60 -10.81
N GLU B 124 11.59 25.31 -12.03
CA GLU B 124 11.31 24.02 -12.64
C GLU B 124 12.58 23.44 -13.24
N ILE B 125 12.85 22.19 -12.94
CA ILE B 125 13.99 21.46 -13.48
C ILE B 125 13.44 20.24 -14.21
N ILE B 126 13.88 20.05 -15.45
CA ILE B 126 13.41 18.95 -16.30
C ILE B 126 14.61 18.19 -16.84
N VAL B 127 14.55 16.87 -16.75
CA VAL B 127 15.53 15.99 -17.36
C VAL B 127 14.80 15.06 -18.32
N THR B 128 15.17 15.11 -19.60
CA THR B 128 14.57 14.31 -20.64
C THR B 128 15.56 13.29 -21.19
N ARG B 129 15.00 12.28 -21.87
CA ARG B 129 15.82 11.21 -22.43
C ARG B 129 16.81 11.74 -23.45
N GLY B 130 16.45 12.79 -24.18
CA GLY B 130 17.34 13.40 -25.14
C GLY B 130 16.89 13.18 -26.57
N LEU B 131 17.84 13.40 -27.49
CA LEU B 131 17.53 13.44 -28.91
C LEU B 131 17.18 12.06 -29.46
N LYS B 132 17.85 11.01 -28.99
CA LYS B 132 17.53 9.65 -29.40
C LYS B 132 16.76 8.96 -28.27
N GLY B 133 15.55 8.53 -28.58
CA GLY B 133 14.69 7.92 -27.60
C GLY B 133 15.06 6.49 -27.29
N VAL B 134 14.32 5.90 -26.35
CA VAL B 134 14.58 4.53 -25.94
C VAL B 134 14.31 3.56 -27.08
N ARG B 135 13.24 3.80 -27.84
CA ARG B 135 12.85 2.84 -28.87
C ARG B 135 13.89 2.81 -29.99
N GLY B 136 14.52 1.66 -30.16
CA GLY B 136 15.37 1.43 -31.31
C GLY B 136 16.70 2.16 -31.35
N SER B 137 17.10 2.77 -30.24
CA SER B 137 18.41 3.41 -30.15
C SER B 137 19.33 2.59 -29.26
N ARG B 138 20.61 2.56 -29.61
CA ARG B 138 21.55 1.84 -28.77
C ARG B 138 21.86 2.65 -27.52
N PRO B 139 22.18 1.97 -26.41
CA PRO B 139 22.44 2.72 -25.15
C PRO B 139 23.53 3.76 -25.26
N GLU B 140 24.53 3.55 -26.12
CA GLU B 140 25.64 4.49 -26.18
C GLU B 140 25.21 5.84 -26.75
N GLU B 141 24.15 5.88 -27.54
CA GLU B 141 23.73 7.09 -28.24
C GLU B 141 22.72 7.91 -27.45
N ILE B 142 22.34 7.48 -26.25
CA ILE B 142 21.33 8.18 -25.45
C ILE B 142 22.05 9.16 -24.54
N VAL B 143 21.78 10.45 -24.73
CA VAL B 143 22.37 11.53 -23.96
C VAL B 143 21.25 12.38 -23.39
N ASN B 144 21.02 12.27 -22.08
CA ASN B 144 19.94 12.99 -21.45
C ASN B 144 20.19 14.49 -21.51
N ARG B 145 19.10 15.25 -21.54
CA ARG B 145 19.17 16.69 -21.67
C ARG B 145 18.48 17.36 -20.48
N LEU B 146 18.89 18.58 -20.21
CA LEU B 146 18.44 19.34 -19.07
C LEU B 146 17.79 20.64 -19.52
N TYR B 147 16.67 20.98 -18.90
CA TYR B 147 16.02 22.27 -19.10
C TYR B 147 15.63 22.81 -17.74
N MET B 148 15.77 24.11 -17.57
CA MET B 148 15.39 24.76 -16.33
C MET B 148 14.71 26.08 -16.64
N LEU B 149 13.94 26.57 -15.68
CA LEU B 149 13.26 27.84 -15.86
C LEU B 149 12.90 28.40 -14.50
N VAL B 150 12.86 29.73 -14.43
CA VAL B 150 12.44 30.47 -13.25
C VAL B 150 11.41 31.48 -13.70
N GLN B 151 10.35 31.63 -12.91
CA GLN B 151 9.27 32.53 -13.28
C GLN B 151 8.52 32.90 -12.01
N PRO B 152 7.65 33.90 -12.08
CA PRO B 152 6.91 34.31 -10.88
C PRO B 152 6.13 33.15 -10.27
N TYR B 153 5.98 33.21 -8.96
CA TYR B 153 5.26 32.20 -8.20
C TYR B 153 3.88 31.93 -8.78
N VAL B 154 3.51 30.65 -8.82
CA VAL B 154 2.25 30.20 -9.39
C VAL B 154 1.33 29.74 -8.27
N TRP B 155 0.07 30.14 -8.35
CA TRP B 155 -0.93 29.80 -7.34
C TRP B 155 -1.95 28.82 -7.92
N VAL B 156 -1.98 27.61 -7.38
CA VAL B 156 -3.08 26.69 -7.67
C VAL B 156 -4.35 27.12 -6.93
N MET B 157 -4.21 27.85 -5.84
CA MET B 157 -5.31 28.56 -5.20
C MET B 157 -4.86 29.99 -4.92
N GLU B 158 -5.55 30.96 -5.52
CA GLU B 158 -5.13 32.36 -5.40
C GLU B 158 -5.17 32.82 -3.95
N PRO B 159 -4.29 33.77 -3.57
CA PRO B 159 -4.32 34.28 -2.18
C PRO B 159 -5.70 34.71 -1.74
N GLU B 160 -6.50 35.28 -2.64
CA GLU B 160 -7.81 35.77 -2.28
C GLU B 160 -8.77 34.63 -1.91
N VAL B 161 -8.49 33.40 -2.34
CA VAL B 161 -9.40 32.30 -2.04
C VAL B 161 -8.96 31.53 -0.80
N GLN B 162 -7.66 31.48 -0.50
CA GLN B 162 -7.20 30.65 0.60
C GLN B 162 -7.85 30.98 1.94
N PRO B 163 -8.22 32.22 2.24
CA PRO B 163 -8.96 32.49 3.48
C PRO B 163 -10.34 31.86 3.52
N VAL B 164 -10.93 31.55 2.37
CA VAL B 164 -12.29 31.02 2.29
C VAL B 164 -12.29 29.53 1.95
N GLY B 165 -11.38 29.10 1.09
CA GLY B 165 -11.34 27.72 0.66
C GLY B 165 -11.98 27.53 -0.71
N GLY B 166 -11.63 26.42 -1.36
CA GLY B 166 -12.11 26.12 -2.69
C GLY B 166 -13.12 24.99 -2.74
N ASP B 167 -13.55 24.70 -3.96
CA ASP B 167 -14.62 23.75 -4.23
C ASP B 167 -14.05 22.53 -4.95
N ALA B 168 -14.11 21.37 -4.30
CA ALA B 168 -13.58 20.15 -4.85
C ALA B 168 -14.69 19.14 -5.14
N VAL B 169 -14.34 18.14 -5.94
CA VAL B 169 -15.19 16.98 -6.19
C VAL B 169 -14.33 15.72 -6.20
N ILE B 170 -14.92 14.61 -5.77
CA ILE B 170 -14.35 13.30 -6.04
C ILE B 170 -14.68 12.97 -7.49
N ALA B 171 -13.64 12.80 -8.30
CA ALA B 171 -13.85 12.56 -9.71
C ALA B 171 -14.53 11.21 -9.94
N ARG B 172 -15.48 11.20 -10.86
CA ARG B 172 -16.19 9.97 -11.20
C ARG B 172 -16.03 9.56 -12.66
N THR B 173 -15.50 10.43 -13.52
CA THR B 173 -15.29 10.10 -14.92
C THR B 173 -13.87 9.63 -15.21
N VAL B 174 -12.97 9.70 -14.22
CA VAL B 174 -11.57 9.35 -14.44
C VAL B 174 -11.01 8.89 -13.10
N ARG B 175 -9.97 8.06 -13.14
CA ARG B 175 -9.27 7.64 -11.95
C ARG B 175 -7.76 7.73 -12.19
N ARG B 176 -7.02 7.75 -11.09
CA ARG B 176 -5.57 7.98 -11.13
C ARG B 176 -4.87 6.87 -11.93
N VAL B 177 -3.91 7.28 -12.75
CA VAL B 177 -3.05 6.31 -13.44
C VAL B 177 -2.42 5.42 -12.37
N PRO B 178 -2.51 4.09 -12.48
CA PRO B 178 -2.03 3.23 -11.40
C PRO B 178 -0.50 3.10 -11.41
N PRO B 179 0.11 2.84 -10.24
CA PRO B 179 1.58 2.73 -10.19
C PRO B 179 2.15 1.63 -11.08
N GLY B 180 1.37 0.60 -11.39
CA GLY B 180 1.82 -0.44 -12.29
C GLY B 180 1.87 -0.04 -13.76
N SER B 181 1.32 1.13 -14.11
CA SER B 181 1.49 1.73 -15.42
C SER B 181 2.54 2.84 -15.40
N ILE B 182 2.38 3.80 -14.48
CA ILE B 182 3.31 4.91 -14.30
C ILE B 182 3.51 5.12 -12.80
N ASP B 183 4.76 5.12 -12.36
CA ASP B 183 5.11 5.26 -10.94
C ASP B 183 4.78 6.67 -10.47
N PRO B 184 3.79 6.87 -9.59
CA PRO B 184 3.42 8.24 -9.20
C PRO B 184 4.46 8.91 -8.31
N THR B 185 5.43 8.15 -7.75
CA THR B 185 6.48 8.81 -6.99
C THR B 185 7.50 9.48 -7.89
N VAL B 186 7.39 9.26 -9.19
CA VAL B 186 8.23 9.90 -10.20
C VAL B 186 7.43 11.10 -10.71
N LYS B 187 7.80 12.30 -10.26
CA LYS B 187 7.10 13.51 -10.70
C LYS B 187 7.20 13.60 -12.21
N ASN B 188 6.05 13.68 -12.88
CA ASN B 188 6.01 13.59 -14.33
C ASN B 188 4.91 14.48 -14.91
N LEU B 189 5.00 14.70 -16.23
CA LEU B 189 4.13 15.63 -16.93
C LEU B 189 3.09 14.91 -17.80
N GLN B 190 2.86 13.62 -17.54
CA GLN B 190 1.87 12.83 -18.28
C GLN B 190 0.54 12.98 -17.55
N TRP B 191 -0.14 14.10 -17.87
CA TRP B 191 -1.24 14.59 -17.07
C TRP B 191 -2.59 14.23 -17.64
N GLY B 192 -2.65 13.15 -18.44
CA GLY B 192 -3.89 12.82 -19.12
C GLY B 192 -5.06 12.65 -18.17
N ASP B 193 -4.84 11.93 -17.06
CA ASP B 193 -5.91 11.71 -16.10
C ASP B 193 -6.26 13.01 -15.37
N PHE B 194 -5.24 13.79 -14.99
CA PHE B 194 -5.48 15.05 -14.30
C PHE B 194 -6.27 16.03 -15.17
N VAL B 195 -5.98 16.10 -16.46
CA VAL B 195 -6.69 17.03 -17.32
C VAL B 195 -8.16 16.63 -17.46
N ARG B 196 -8.43 15.32 -17.55
CA ARG B 196 -9.82 14.86 -17.48
C ARG B 196 -10.45 15.29 -16.17
N GLY B 197 -9.68 15.25 -15.07
CA GLY B 197 -10.22 15.62 -13.78
C GLY B 197 -10.55 17.09 -13.70
N LEU B 198 -9.71 17.92 -14.32
CA LEU B 198 -9.96 19.36 -14.36
C LEU B 198 -11.25 19.68 -15.09
N PHE B 199 -11.44 19.10 -16.28
CA PHE B 199 -12.65 19.38 -17.04
C PHE B 199 -13.89 18.88 -16.31
N GLU B 200 -13.79 17.72 -15.64
CA GLU B 200 -14.94 17.22 -14.89
C GLU B 200 -15.29 18.19 -13.76
N ALA B 201 -14.28 18.61 -13.00
CA ALA B 201 -14.53 19.56 -11.92
C ALA B 201 -15.26 20.79 -12.45
N SER B 202 -14.77 21.35 -13.56
CA SER B 202 -15.40 22.51 -14.15
C SER B 202 -16.82 22.22 -14.62
N ASP B 203 -17.05 21.05 -15.25
CA ASP B 203 -18.39 20.70 -15.68
C ASP B 203 -19.35 20.62 -14.51
N ARG B 204 -18.88 20.18 -13.34
CA ARG B 204 -19.75 20.00 -12.19
C ARG B 204 -19.83 21.25 -11.34
N GLY B 205 -19.25 22.36 -11.80
CA GLY B 205 -19.38 23.59 -11.06
C GLY B 205 -18.37 23.77 -9.94
N ALA B 206 -17.26 23.03 -9.97
CA ALA B 206 -16.24 23.15 -8.93
C ALA B 206 -14.88 23.41 -9.58
N THR B 207 -13.81 23.32 -8.80
CA THR B 207 -12.49 23.66 -9.32
C THR B 207 -11.48 22.53 -9.19
N TYR B 208 -11.45 21.80 -8.07
CA TYR B 208 -10.35 20.88 -7.80
C TYR B 208 -10.81 19.43 -7.86
N PRO B 209 -10.26 18.62 -8.75
CA PRO B 209 -10.60 17.19 -8.74
C PRO B 209 -9.73 16.40 -7.77
N PHE B 210 -10.38 15.53 -7.00
CA PHE B 210 -9.71 14.51 -6.18
C PHE B 210 -9.88 13.17 -6.90
N LEU B 211 -8.76 12.56 -7.29
CA LEU B 211 -8.80 11.32 -8.05
C LEU B 211 -8.71 10.12 -7.12
N THR B 212 -9.56 9.11 -7.37
CA THR B 212 -9.47 7.83 -6.68
C THR B 212 -8.47 6.92 -7.37
N ASP B 213 -8.12 5.81 -6.71
CA ASP B 213 -7.30 4.79 -7.29
C ASP B 213 -8.11 3.73 -8.05
N GLY B 214 -9.40 3.98 -8.26
CA GLY B 214 -10.24 2.98 -8.87
C GLY B 214 -10.59 1.81 -7.98
N ASP B 215 -10.16 1.86 -6.71
CA ASP B 215 -10.36 0.77 -5.76
C ASP B 215 -10.89 1.33 -4.44
N ALA B 216 -11.62 2.45 -4.51
CA ALA B 216 -12.34 3.07 -3.39
C ALA B 216 -11.45 3.81 -2.41
N ASN B 217 -10.24 4.21 -2.82
CA ASN B 217 -9.36 5.02 -2.00
C ASN B 217 -8.98 6.32 -2.70
N LEU B 218 -8.71 7.34 -1.89
CA LEU B 218 -8.22 8.62 -2.39
C LEU B 218 -6.77 8.50 -2.82
N THR B 219 -6.39 9.28 -3.83
CA THR B 219 -4.98 9.41 -4.19
C THR B 219 -4.62 10.88 -4.09
N GLU B 220 -4.52 11.59 -5.21
CA GLU B 220 -4.12 12.98 -5.22
C GLU B 220 -4.91 13.70 -6.31
N GLY B 221 -4.63 14.99 -6.46
CA GLY B 221 -5.31 15.82 -7.44
C GLY B 221 -4.38 16.35 -8.47
N SER B 222 -4.90 17.21 -9.33
CA SER B 222 -4.15 17.78 -10.45
C SER B 222 -3.14 18.78 -9.91
N GLY B 223 -2.03 18.25 -9.41
CA GLY B 223 -0.94 19.05 -8.92
C GLY B 223 -0.92 19.32 -7.43
N PHE B 224 -1.49 18.43 -6.62
CA PHE B 224 -1.52 18.65 -5.19
C PHE B 224 -1.80 17.33 -4.49
N ASN B 225 -1.29 17.22 -3.26
CA ASN B 225 -1.65 16.14 -2.38
C ASN B 225 -2.91 16.52 -1.60
N ILE B 226 -3.57 15.51 -1.05
CA ILE B 226 -4.82 15.69 -0.33
C ILE B 226 -4.60 15.30 1.12
N VAL B 227 -5.14 16.10 2.02
CA VAL B 227 -5.08 15.82 3.45
C VAL B 227 -6.46 15.96 4.04
N LEU B 228 -6.86 14.97 4.82
CA LEU B 228 -8.09 14.99 5.60
C LEU B 228 -7.75 15.22 7.08
N VAL B 229 -8.62 15.96 7.76
CA VAL B 229 -8.55 16.14 9.20
C VAL B 229 -9.81 15.55 9.80
N LYS B 230 -9.65 14.65 10.76
CA LYS B 230 -10.79 13.99 11.38
C LYS B 230 -10.44 13.69 12.84
N ASP B 231 -11.17 14.32 13.75
CA ASP B 231 -10.98 14.14 15.20
C ASP B 231 -9.55 14.45 15.61
N GLY B 232 -9.01 15.53 15.06
CA GLY B 232 -7.71 16.02 15.46
C GLY B 232 -6.54 15.29 14.85
N VAL B 233 -6.78 14.38 13.90
CA VAL B 233 -5.74 13.58 13.28
C VAL B 233 -5.73 13.89 11.78
N LEU B 234 -4.55 14.07 11.23
CA LEU B 234 -4.41 14.29 9.79
C LEU B 234 -4.21 12.96 9.07
N TYR B 235 -4.88 12.83 7.92
CA TYR B 235 -4.80 11.63 7.09
C TYR B 235 -4.42 12.02 5.67
N THR B 236 -3.49 11.27 5.08
CA THR B 236 -3.13 11.54 3.70
C THR B 236 -2.72 10.24 3.04
N PRO B 237 -3.07 10.04 1.76
CA PRO B 237 -2.76 8.75 1.12
C PRO B 237 -1.27 8.49 1.03
N ASP B 238 -0.90 7.24 1.25
CA ASP B 238 0.49 6.80 1.14
C ASP B 238 0.81 6.36 -0.28
N ARG B 239 0.05 5.38 -0.79
CA ARG B 239 0.27 4.77 -2.09
C ARG B 239 -0.43 5.57 -3.18
N GLY B 240 0.15 5.54 -4.38
CA GLY B 240 -0.50 6.05 -5.57
C GLY B 240 -0.33 7.53 -5.82
N VAL B 241 0.53 8.21 -5.06
CA VAL B 241 0.60 9.66 -5.08
C VAL B 241 2.06 10.07 -5.07
N LEU B 242 2.30 11.31 -5.51
CA LEU B 242 3.61 11.91 -5.31
C LEU B 242 3.82 12.16 -3.82
N GLN B 243 5.01 11.87 -3.35
CA GLN B 243 5.40 12.18 -1.98
C GLN B 243 5.84 13.64 -1.97
N GLY B 244 4.88 14.53 -1.74
CA GLY B 244 5.12 15.94 -1.92
C GLY B 244 6.06 16.50 -0.87
N VAL B 245 6.82 17.54 -1.27
CA VAL B 245 7.61 18.27 -0.27
C VAL B 245 6.71 19.13 0.60
N THR B 246 5.62 19.66 0.04
CA THR B 246 4.67 20.39 0.86
C THR B 246 4.06 19.45 1.90
N ARG B 247 3.65 18.25 1.45
CA ARG B 247 3.16 17.23 2.37
C ARG B 247 4.18 16.94 3.48
N LYS B 248 5.44 16.75 3.10
CA LYS B 248 6.50 16.54 4.09
C LYS B 248 6.52 17.68 5.09
N SER B 249 6.39 18.92 4.61
CA SER B 249 6.37 20.07 5.51
C SER B 249 5.14 20.05 6.41
N VAL B 250 4.01 19.60 5.88
CA VAL B 250 2.81 19.46 6.70
C VAL B 250 3.07 18.51 7.86
N ILE B 251 3.80 17.42 7.60
CA ILE B 251 4.09 16.48 8.67
C ILE B 251 4.99 17.13 9.71
N ASP B 252 5.98 17.91 9.27
CA ASP B 252 6.88 18.56 10.22
C ASP B 252 6.10 19.55 11.10
N VAL B 253 5.29 20.40 10.50
CA VAL B 253 4.46 21.32 11.28
C VAL B 253 3.57 20.54 12.24
N ALA B 254 2.94 19.46 11.76
CA ALA B 254 2.02 18.71 12.61
C ALA B 254 2.75 18.12 13.81
N ASN B 255 3.88 17.47 13.56
CA ASN B 255 4.68 16.93 14.65
C ASN B 255 5.06 18.03 15.63
N ALA B 256 5.52 19.16 15.11
CA ALA B 256 5.97 20.25 15.98
C ALA B 256 4.84 20.76 16.85
N LYS B 257 3.60 20.74 16.36
CA LYS B 257 2.46 21.25 17.10
C LYS B 257 1.67 20.15 17.80
N GLY B 258 2.17 18.91 17.79
CA GLY B 258 1.51 17.84 18.52
C GLY B 258 0.37 17.16 17.82
N PHE B 259 0.18 17.38 16.52
CA PHE B 259 -0.85 16.69 15.76
C PHE B 259 -0.29 15.38 15.18
N GLU B 260 -1.07 14.31 15.29
CA GLU B 260 -0.71 13.04 14.67
C GLU B 260 -1.02 13.10 13.17
N VAL B 261 -0.14 12.49 12.37
CA VAL B 261 -0.34 12.38 10.92
C VAL B 261 -0.24 10.91 10.53
N ARG B 262 -1.29 10.40 9.89
CA ARG B 262 -1.31 9.05 9.36
C ARG B 262 -1.14 9.09 7.85
N VAL B 263 -0.04 8.52 7.38
CA VAL B 263 0.24 8.35 5.95
C VAL B 263 -0.13 6.91 5.64
N GLU B 264 -1.30 6.70 5.05
CA GLU B 264 -1.86 5.36 4.95
C GLU B 264 -2.99 5.39 3.93
N TYR B 265 -3.64 4.25 3.76
CA TYR B 265 -4.80 4.18 2.86
C TYR B 265 -5.94 5.03 3.41
N VAL B 266 -6.40 5.98 2.62
CA VAL B 266 -7.53 6.84 3.02
C VAL B 266 -8.70 6.49 2.12
N PRO B 267 -9.73 5.83 2.63
CA PRO B 267 -10.89 5.51 1.79
C PRO B 267 -11.62 6.77 1.35
N VAL B 268 -12.21 6.69 0.15
CA VAL B 268 -13.00 7.80 -0.37
C VAL B 268 -14.06 8.21 0.65
N GLU B 269 -14.64 7.24 1.35
CA GLU B 269 -15.72 7.55 2.28
C GLU B 269 -15.26 8.56 3.33
N ALA B 270 -13.98 8.54 3.70
CA ALA B 270 -13.49 9.41 4.76
C ALA B 270 -13.63 10.88 4.37
N ALA B 271 -13.47 11.20 3.09
CA ALA B 271 -13.61 12.57 2.64
C ALA B 271 -14.98 13.13 3.02
N TYR B 272 -16.02 12.29 2.94
CA TYR B 272 -17.38 12.76 3.21
C TYR B 272 -17.69 12.93 4.69
N HIS B 273 -16.81 12.48 5.57
CA HIS B 273 -17.00 12.66 7.00
C HIS B 273 -15.91 13.53 7.64
N ALA B 274 -15.04 14.12 6.83
CA ALA B 274 -13.88 14.82 7.37
C ALA B 274 -14.28 16.11 8.07
N ASP B 275 -13.60 16.41 9.19
CA ASP B 275 -13.82 17.69 9.86
C ASP B 275 -13.26 18.84 9.02
N GLU B 276 -12.14 18.60 8.34
CA GLU B 276 -11.49 19.60 7.52
C GLU B 276 -10.83 18.91 6.33
N ILE B 277 -10.66 19.66 5.25
CA ILE B 277 -9.94 19.18 4.08
C ILE B 277 -9.06 20.31 3.56
N PHE B 278 -7.83 19.97 3.18
CA PHE B 278 -7.02 20.95 2.46
C PHE B 278 -6.07 20.22 1.51
N MET B 279 -5.67 20.93 0.47
CA MET B 279 -4.69 20.47 -0.50
C MET B 279 -3.34 21.12 -0.20
N CYS B 280 -2.27 20.46 -0.62
CA CYS B 280 -0.94 21.01 -0.44
C CYS B 280 -0.09 20.76 -1.67
N THR B 281 0.70 21.77 -2.04
CA THR B 281 1.54 21.75 -3.23
C THR B 281 2.50 22.93 -3.15
N THR B 282 3.64 22.81 -3.84
CA THR B 282 4.61 23.90 -3.87
C THR B 282 3.98 25.15 -4.48
N ALA B 283 3.26 24.99 -5.59
CA ALA B 283 2.66 26.11 -6.32
C ALA B 283 1.37 26.57 -5.64
N GLY B 284 1.53 27.17 -4.46
CA GLY B 284 0.40 27.73 -3.74
C GLY B 284 0.38 27.46 -2.26
N GLY B 285 1.05 26.39 -1.82
CA GLY B 285 1.19 26.12 -0.40
C GLY B 285 0.07 25.29 0.18
N ILE B 286 -0.57 25.82 1.23
CA ILE B 286 -1.63 25.13 1.96
C ILE B 286 -2.95 25.71 1.48
N MET B 287 -3.81 24.86 0.90
CA MET B 287 -4.99 25.33 0.18
C MET B 287 -6.25 24.70 0.74
N PRO B 288 -7.01 25.43 1.57
CA PRO B 288 -8.19 24.83 2.22
C PRO B 288 -9.33 24.57 1.25
N ILE B 289 -10.17 23.59 1.60
CA ILE B 289 -11.33 23.21 0.78
C ILE B 289 -12.58 23.43 1.61
N ARG B 290 -13.46 24.30 1.11
CA ARG B 290 -14.70 24.60 1.84
C ARG B 290 -15.82 23.64 1.49
N SER B 291 -15.82 23.04 0.29
CA SER B 291 -16.92 22.18 -0.13
C SER B 291 -16.43 20.99 -0.93
N LEU B 292 -17.19 19.90 -0.85
CA LEU B 292 -16.90 18.65 -1.57
C LEU B 292 -18.19 18.16 -2.20
N ASP B 293 -18.17 17.94 -3.51
CA ASP B 293 -19.35 17.45 -4.24
C ASP B 293 -20.55 18.36 -4.02
N GLY B 294 -20.31 19.67 -3.98
CA GLY B 294 -21.38 20.63 -3.82
C GLY B 294 -21.98 20.74 -2.43
N LYS B 295 -21.36 20.13 -1.41
CA LYS B 295 -21.79 20.19 -0.04
C LYS B 295 -20.69 20.78 0.85
N PRO B 296 -21.06 21.40 1.97
CA PRO B 296 -20.03 22.00 2.84
C PRO B 296 -19.21 20.93 3.54
N VAL B 297 -17.92 21.20 3.68
CA VAL B 297 -17.06 20.40 4.55
C VAL B 297 -17.23 20.95 5.96
N ASN B 298 -17.90 20.18 6.81
CA ASN B 298 -18.22 20.60 8.18
C ASN B 298 -19.06 21.88 8.09
N ASP B 299 -18.57 23.01 8.59
CA ASP B 299 -19.30 24.27 8.60
C ASP B 299 -18.98 25.12 7.38
N GLY B 300 -18.22 24.59 6.43
CA GLY B 300 -17.90 25.34 5.22
C GLY B 300 -16.87 26.42 5.38
N LYS B 301 -16.18 26.47 6.52
CA LYS B 301 -15.15 27.47 6.77
C LYS B 301 -13.79 26.79 6.89
N VAL B 302 -12.73 27.58 6.69
CA VAL B 302 -11.39 27.07 6.94
C VAL B 302 -11.32 26.62 8.39
N GLY B 303 -10.87 25.39 8.60
CA GLY B 303 -10.85 24.81 9.91
C GLY B 303 -9.66 25.27 10.72
N PRO B 304 -9.70 24.97 12.02
CA PRO B 304 -8.63 25.42 12.91
C PRO B 304 -7.31 24.70 12.66
N ILE B 305 -7.35 23.37 12.55
CA ILE B 305 -6.10 22.64 12.32
C ILE B 305 -5.49 23.04 10.99
N THR B 306 -6.33 23.33 9.99
CA THR B 306 -5.79 23.79 8.71
C THR B 306 -5.00 25.09 8.88
N LYS B 307 -5.53 26.04 9.65
CA LYS B 307 -4.83 27.30 9.82
C LYS B 307 -3.52 27.10 10.59
N ALA B 308 -3.54 26.21 11.59
CA ALA B 308 -2.33 25.87 12.30
C ALA B 308 -1.27 25.32 11.35
N ILE B 309 -1.70 24.46 10.41
CA ILE B 309 -0.78 23.94 9.41
C ILE B 309 -0.34 25.06 8.47
N TRP B 310 -1.30 25.88 8.02
CA TRP B 310 -0.99 27.03 7.19
C TRP B 310 0.05 27.92 7.86
N ASP B 311 -0.18 28.27 9.13
CA ASP B 311 0.75 29.14 9.84
C ASP B 311 2.14 28.53 9.89
N GLY B 312 2.25 27.29 10.35
CA GLY B 312 3.55 26.66 10.46
C GLY B 312 4.28 26.55 9.12
N TYR B 313 3.53 26.24 8.05
CA TYR B 313 4.16 26.04 6.75
C TYR B 313 4.90 27.29 6.31
N TRP B 314 4.27 28.45 6.44
CA TRP B 314 4.93 29.68 6.02
C TRP B 314 6.00 30.12 7.02
N GLU B 315 5.78 29.87 8.31
CA GLU B 315 6.84 30.07 9.30
C GLU B 315 8.12 29.38 8.85
N MET B 316 8.01 28.15 8.32
CA MET B 316 9.17 27.35 7.95
C MET B 316 9.97 27.94 6.80
N HIS B 317 9.42 28.92 6.08
CA HIS B 317 10.16 29.53 4.98
C HIS B 317 11.26 30.49 5.45
N TYR B 318 11.36 30.73 6.76
CA TYR B 318 12.41 31.58 7.33
C TYR B 318 13.26 30.77 8.31
N ASP B 319 13.04 29.46 8.37
CA ASP B 319 13.88 28.58 9.17
C ASP B 319 15.05 28.10 8.33
N PRO B 320 16.29 28.32 8.75
CA PRO B 320 17.43 27.88 7.91
C PRO B 320 17.49 26.38 7.76
N ALA B 321 16.88 25.62 8.65
CA ALA B 321 16.79 24.17 8.47
C ALA B 321 16.04 23.81 7.20
N TYR B 322 15.19 24.71 6.69
CA TYR B 322 14.37 24.43 5.53
C TYR B 322 14.57 25.43 4.40
N SER B 323 15.45 26.42 4.58
CA SER B 323 15.56 27.47 3.57
C SER B 323 16.93 28.12 3.66
N PHE B 324 17.32 28.78 2.58
CA PHE B 324 18.49 29.64 2.59
C PHE B 324 18.19 30.90 1.78
N GLU B 325 18.89 31.97 2.12
CA GLU B 325 18.67 33.27 1.49
C GLU B 325 19.51 33.36 0.22
N ILE B 326 18.93 33.96 -0.82
CA ILE B 326 19.58 34.16 -2.10
C ILE B 326 20.15 35.57 -2.15
N LYS B 327 21.35 35.71 -2.69
CA LYS B 327 21.97 37.01 -2.90
C LYS B 327 21.63 37.50 -4.30
N TYR B 328 20.86 38.58 -4.38
CA TYR B 328 20.42 39.13 -5.65
C TYR B 328 21.39 40.17 -6.20
C1 EDO C . -2.18 -10.89 -14.19
O1 EDO C . -1.04 -10.01 -14.04
C2 EDO C . -3.25 -10.15 -14.99
O2 EDO C . -2.67 -9.57 -16.17
H11 EDO C . -2.57 -11.18 -13.22
H12 EDO C . -1.88 -11.79 -14.72
HO1 EDO C . -0.32 -10.49 -13.58
H21 EDO C . -3.69 -9.37 -14.37
H22 EDO C . -4.04 -10.85 -15.26
HO2 EDO C . -3.22 -8.84 -16.47
C1 EDO D . 11.74 -22.18 21.85
O1 EDO D . 10.95 -21.70 22.94
C2 EDO D . 11.03 -21.90 20.52
O2 EDO D . 10.88 -20.49 20.36
H11 EDO D . 11.91 -23.26 21.96
H12 EDO D . 12.71 -21.69 21.85
HO1 EDO D . 11.41 -21.89 23.78
H21 EDO D . 10.05 -22.39 20.52
H22 EDO D . 11.62 -22.32 19.70
HO2 EDO D . 10.43 -20.31 19.53
C1 EDO E . -2.08 -20.86 21.79
O1 EDO E . -2.79 -21.90 21.15
C2 EDO E . -3.05 -19.88 22.46
O2 EDO E . -2.40 -19.35 23.63
H11 EDO E . -1.45 -20.34 21.08
H12 EDO E . -1.42 -21.29 22.56
HO1 EDO E . -2.21 -22.37 20.54
H21 EDO E . -3.98 -20.38 22.72
H22 EDO E . -3.28 -19.07 21.76
HO2 EDO E . -2.98 -18.68 24.04
C1 EDO F . 16.69 -30.08 -4.03
O1 EDO F . 16.98 -31.06 -3.04
C2 EDO F . 15.30 -30.35 -4.59
O2 EDO F . 14.83 -29.24 -5.35
H11 EDO F . 17.43 -30.13 -4.83
H12 EDO F . 16.72 -29.08 -3.59
HO1 EDO F . 17.82 -30.86 -2.61
H21 EDO F . 14.60 -30.55 -3.78
H22 EDO F . 15.33 -31.24 -5.23
HO2 EDO F . 13.95 -29.43 -5.70
C1 EDO G . -16.20 -18.37 -10.10
O1 EDO G . -14.91 -18.93 -9.98
C2 EDO G . -17.08 -18.86 -8.95
O2 EDO G . -17.15 -20.29 -8.98
H11 EDO G . -16.65 -18.65 -11.06
H12 EDO G . -16.13 -17.27 -10.06
HO1 EDO G . -14.75 -19.53 -10.73
H21 EDO G . -18.08 -18.43 -9.03
H22 EDO G . -16.66 -18.54 -8.00
HO2 EDO G . -17.68 -20.62 -8.23
C1 EDO H . -7.86 -21.55 -17.15
O1 EDO H . -6.94 -21.52 -18.24
C2 EDO H . -7.11 -21.31 -15.84
O2 EDO H . -8.07 -21.22 -14.77
H11 EDO H . -8.37 -22.52 -17.11
H12 EDO H . -8.63 -20.78 -17.29
HO1 EDO H . -7.41 -21.70 -19.07
H21 EDO H . -6.53 -20.39 -15.90
H22 EDO H . -6.42 -22.12 -15.65
HO2 EDO H . -7.61 -21.02 -13.95
C1 EDO I . 15.74 -9.07 -6.56
O1 EDO I . 14.85 -7.97 -6.33
C2 EDO I . 15.01 -10.39 -6.35
O2 EDO I . 14.33 -10.51 -5.10
H11 EDO I . 16.58 -9.00 -5.89
H12 EDO I . 16.11 -9.03 -7.59
HO1 EDO I . 15.36 -7.15 -6.30
H21 EDO I . 15.74 -11.20 -6.41
H22 EDO I . 14.28 -10.53 -7.15
HO2 EDO I . 13.82 -11.33 -5.07
C1 EDO J . -14.19 -18.56 -13.04
O1 EDO J . -14.50 -17.18 -12.86
C2 EDO J . -14.17 -18.92 -14.51
O2 EDO J . -12.94 -18.50 -15.11
H11 EDO J . -14.95 -19.16 -12.53
H12 EDO J . -13.23 -18.78 -12.59
HO1 EDO J . -14.50 -16.97 -11.91
H21 EDO J . -15.01 -18.44 -15.02
H22 EDO J . -14.29 -20.00 -14.63
HO2 EDO J . -12.98 -18.66 -16.06
C1 EDO K . 1.08 -10.10 12.01
O1 EDO K . -0.30 -9.70 12.11
C2 EDO K . 1.90 -9.10 11.21
O2 EDO K . 1.06 -8.38 10.28
H11 EDO K . 1.14 -11.08 11.54
H12 EDO K . 1.50 -10.19 13.01
HO1 EDO K . -0.77 -10.30 12.72
H21 EDO K . 2.69 -9.62 10.66
H22 EDO K . 2.37 -8.38 11.89
HO2 EDO K . 1.58 -7.69 9.84
C1 EDO L . -12.14 -22.22 -13.02
O1 EDO L . -13.15 -21.20 -12.88
C2 EDO L . -11.62 -22.24 -14.45
O2 EDO L . -10.80 -23.40 -14.61
H11 EDO L . -12.57 -23.20 -12.77
H12 EDO L . -11.32 -22.03 -12.33
HO1 EDO L . -13.49 -21.20 -11.98
H21 EDO L . -11.04 -21.34 -14.65
H22 EDO L . -12.45 -22.26 -15.16
HO2 EDO L . -10.33 -23.35 -15.46
C1 EDO M . -26.58 -12.27 1.94
O1 EDO M . -26.56 -11.79 3.30
C2 EDO M . -26.98 -11.15 0.97
O2 EDO M . -28.21 -10.54 1.39
H11 EDO M . -27.30 -13.08 1.85
H12 EDO M . -25.60 -12.65 1.67
HO1 EDO M . -26.28 -12.51 3.88
H21 EDO M . -27.09 -11.56 -0.04
H22 EDO M . -26.19 -10.40 0.95
HO2 EDO M . -28.47 -9.87 0.75
C1 EDO N . 5.68 -21.99 -16.99
O1 EDO N . 5.86 -20.77 -17.74
C2 EDO N . 4.80 -22.95 -17.79
O2 EDO N . 3.96 -22.20 -18.69
H11 EDO N . 5.21 -21.78 -16.03
H12 EDO N . 6.65 -22.45 -16.80
HO1 EDO N . 6.43 -20.17 -17.25
H21 EDO N . 4.18 -23.55 -17.13
H22 EDO N . 5.43 -23.62 -18.37
HO2 EDO N . 3.40 -22.81 -19.19
C1 EDO O . 0.73 -6.73 -14.26
O1 EDO O . 0.52 -7.68 -13.20
C2 EDO O . 0.89 -7.51 -15.58
O2 EDO O . -0.38 -8.12 -15.89
H11 EDO O . 1.62 -6.14 -14.07
H12 EDO O . -0.13 -6.05 -14.33
HO1 EDO O . -0.08 -7.30 -12.54
H21 EDO O . 1.66 -8.27 -15.47
H22 EDO O . 1.18 -6.83 -16.38
HO2 EDO O . -0.27 -8.68 -16.68
N1 PLP P . -3.60 -16.47 2.34
C2 PLP P . -4.81 -17.08 2.12
C2A PLP P . -5.62 -16.64 0.92
C3 PLP P . -5.26 -18.06 2.99
O3 PLP P . -6.46 -18.68 2.79
C4 PLP P . -4.49 -18.45 4.08
C4A PLP P . -5.17 -19.21 5.18
C5 PLP P . -3.26 -17.83 4.28
C6 PLP P . -2.83 -16.85 3.41
C5A PLP P . -2.37 -18.21 5.45
O4P PLP P . -2.82 -17.65 6.66
P PLP P . -2.43 -18.36 8.08
O1P PLP P . -2.99 -19.75 8.04
O2P PLP P . -3.03 -17.52 9.17
O3P PLP P . -0.93 -18.41 8.17
H2A1 PLP P . -6.56 -17.20 0.89
H2A2 PLP P . -5.06 -16.82 0.01
H2A3 PLP P . -5.84 -15.57 1.00
H6 PLP P . -1.86 -16.37 3.57
H5A1 PLP P . -1.35 -17.87 5.26
H5A2 PLP P . -2.35 -19.30 5.55
NA NA Q . -10.86 -14.46 10.28
NA NA R . 2.40 -11.35 2.57
C1 EDO S . 12.45 2.48 -16.87
O1 EDO S . 11.92 1.94 -15.66
C2 EDO S . 11.41 3.38 -17.55
O2 EDO S . 10.86 4.30 -16.60
H11 EDO S . 12.74 1.67 -17.54
H12 EDO S . 13.35 3.06 -16.65
HO1 EDO S . 12.59 1.36 -15.25
H21 EDO S . 10.61 2.76 -17.97
H22 EDO S . 11.88 3.93 -18.37
HO2 EDO S . 10.16 4.82 -17.02
C1 EDO T . 6.09 -0.50 -9.51
O1 EDO T . 4.84 -0.70 -10.18
C2 EDO T . 6.47 0.96 -9.67
O2 EDO T . 5.47 1.77 -9.04
H11 EDO T . 6.85 -1.15 -9.93
H12 EDO T . 5.98 -0.75 -8.45
HO1 EDO T . 4.53 -1.61 -10.04
H21 EDO T . 6.54 1.21 -10.73
H22 EDO T . 7.45 1.15 -9.22
HO2 EDO T . 5.74 2.69 -9.08
C1 EDO U . -19.56 16.25 1.69
O1 EDO U . -19.89 16.55 0.31
C2 EDO U . -20.80 15.70 2.40
O2 EDO U . -20.43 14.72 3.39
H11 EDO U . -19.22 17.15 2.20
H12 EDO U . -18.76 15.52 1.73
HO1 EDO U . -19.12 16.91 -0.13
H21 EDO U . -21.46 15.23 1.66
H22 EDO U . -21.35 16.51 2.87
HO2 EDO U . -21.23 14.39 3.83
C1 EDO V . 17.25 23.68 3.48
O1 EDO V . 17.66 24.89 2.82
C2 EDO V . 18.18 22.56 3.07
O2 EDO V . 18.36 22.60 1.64
H11 EDO V . 16.22 23.45 3.20
H12 EDO V . 17.29 23.83 4.56
HO1 EDO V . 16.99 25.58 2.96
H21 EDO V . 17.75 21.59 3.35
H22 EDO V . 19.15 22.65 3.57
HO2 EDO V . 19.01 21.93 1.38
C1 EDO W . 23.50 33.02 -1.57
O1 EDO W . 23.90 31.75 -1.03
C2 EDO W . 23.50 32.92 -3.08
O2 EDO W . 22.68 33.97 -3.63
H11 EDO W . 24.19 33.80 -1.24
H12 EDO W . 22.51 33.29 -1.20
HO1 EDO W . 23.88 31.79 -0.06
H21 EDO W . 23.09 31.94 -3.39
H22 EDO W . 24.52 32.99 -3.47
HO2 EDO W . 22.71 33.93 -4.59
C1 EDO X . -22.03 17.58 -7.35
O1 EDO X . -20.60 17.41 -7.34
C2 EDO X . -22.44 18.17 -8.69
O2 EDO X . -21.94 17.32 -9.73
H11 EDO X . -22.34 18.23 -6.54
H12 EDO X . -22.52 16.61 -7.20
HO1 EDO X . -20.34 16.88 -6.57
H21 EDO X . -22.02 19.17 -8.80
H22 EDO X . -23.53 18.25 -8.76
HO2 EDO X . -22.21 17.67 -10.60
C1 EDO Y . 6.67 8.31 -16.88
O1 EDO Y . 7.37 7.22 -16.25
C2 EDO Y . 7.48 9.58 -16.78
O2 EDO Y . 8.62 9.49 -17.65
H11 EDO Y . 5.70 8.44 -16.40
H12 EDO Y . 6.49 8.06 -17.93
HO1 EDO Y . 6.90 6.40 -16.42
H21 EDO Y . 7.80 9.74 -15.75
H22 EDO Y . 6.86 10.44 -17.07
HO2 EDO Y . 9.15 10.30 -17.57
C1 EDO Z . 9.16 4.36 -13.43
O1 EDO Z . 9.13 2.95 -13.74
C2 EDO Z . 8.33 5.13 -14.43
O2 EDO Z . 6.93 5.01 -14.12
H11 EDO Z . 10.19 4.71 -13.45
H12 EDO Z . 8.77 4.52 -12.42
HO1 EDO Z . 9.61 2.47 -13.07
H21 EDO Z . 8.50 4.74 -15.44
H22 EDO Z . 8.62 6.18 -14.42
HO2 EDO Z . 6.42 5.49 -14.79
N1 PLP AA . 0.84 15.62 -6.59
C2 PLP AA . 1.06 15.94 -7.91
C2A PLP AA . 0.41 15.09 -8.96
C3 PLP AA . 1.83 17.03 -8.24
O3 PLP AA . 2.04 17.36 -9.56
C4 PLP AA . 2.40 17.82 -7.23
C4A PLP AA . 3.59 18.67 -7.58
C5 PLP AA . 2.16 17.49 -5.91
C6 PLP AA . 1.37 16.39 -5.60
C5A PLP AA . 2.75 18.30 -4.79
O4P PLP AA . 4.12 18.00 -4.64
P PLP AA . 5.10 19.07 -3.93
O1P PLP AA . 5.21 20.24 -4.82
O2P PLP AA . 6.45 18.40 -3.69
O3P PLP AA . 4.51 19.50 -2.60
H2A1 PLP AA . 0.66 15.49 -9.95
H2A2 PLP AA . -0.68 15.10 -8.83
H2A3 PLP AA . 0.77 14.06 -8.88
H6 PLP AA . 1.18 16.15 -4.55
H5A1 PLP AA . 2.24 18.07 -3.85
H5A2 PLP AA . 2.63 19.36 -4.99
#